data_9FDY
#
_entry.id   9FDY
#
_cell.length_a   1.00
_cell.length_b   1.00
_cell.length_c   1.00
_cell.angle_alpha   90.00
_cell.angle_beta   90.00
_cell.angle_gamma   90.00
#
_symmetry.space_group_name_H-M   'P 1'
#
loop_
_entity.id
_entity.type
_entity.pdbx_description
1 polymer 'Transforming growth factor beta-1'
2 polymer 'Transforming growth factor beta receptor type 3'
3 polymer 'TGF-beta receptor type-2'
#
loop_
_entity_poly.entity_id
_entity_poly.type
_entity_poly.pdbx_seq_one_letter_code
_entity_poly.pdbx_strand_id
1 'polypeptide(L)'
;ALDTNYCFSSTEKNCCVRQLYIDFRKDLGWKWIHEPKGYHANFCLGPCPYIWSLDTQYSKVLALYNQHNPGASAAPCCVP
QALEPLPIVYYVGRKPKVEQLSNMIVRSCKCS
;
A,B
2 'polypeptide(L)'
;GSPCELSPINASHPVQALMESFTVLSGCASRGTTGLPREVHVLNLRSTDQGPGQRQREVTLHLNPIASVHTHHKPIVFLL
NSPQPLVWHLKTERLAAGVPRLFLVSEGSVVQFPSGNFSLTAETEERNFPQENEHLLRWAQKEYGAVTSFTELKIARNIY
IKVGEDQVFPPTCNIGKNFLSLNYLAEYLQPKAAEGCVLPSQPHEKEVHIIELITPSSNPYSAFQVDIIVDIRPAQEDPE
VVKNLVLILKCKKSVNWVIKSFDVKGNLKVIAPNSIGFGKESERSMTMTKLVRDDIPSTQENLMKWALDNGYRPVTSYTM
APVANRFHLRLENHHHHHH
;
C
3 'polypeptide(L)'
;MNGAVKFPQLCKFCDVRFSTCDNQKSCMSNCSITSICEKPQEVCVAVWRKNDENITLETVCHDPKLPYHDFILEDAASPK
CIMKEKKKPGETFFMCSCSSDECNDNIIFSEEY
;
D,E
#
# COMPACT_ATOMS: atom_id res chain seq x y z
N ALA A 1 17.33 -6.33 8.07
CA ALA A 1 18.64 -6.59 8.66
C ALA A 1 18.54 -6.66 10.18
N LEU A 2 17.34 -6.48 10.70
CA LEU A 2 17.10 -6.53 12.15
C LEU A 2 16.76 -7.94 12.59
N ASP A 3 17.66 -8.86 12.30
CA ASP A 3 17.45 -10.27 12.60
C ASP A 3 17.74 -10.54 14.07
N THR A 4 17.64 -11.82 14.46
CA THR A 4 17.94 -12.20 15.83
C THR A 4 19.40 -11.93 16.18
N ASN A 5 20.31 -12.22 15.25
CA ASN A 5 21.73 -12.06 15.53
C ASN A 5 22.08 -10.61 15.85
N TYR A 6 21.55 -9.67 15.05
CA TYR A 6 21.89 -8.27 15.22
C TYR A 6 21.44 -7.76 16.59
N CYS A 7 20.18 -7.98 16.94
CA CYS A 7 19.65 -7.45 18.19
C CYS A 7 20.21 -8.19 19.39
N PHE A 8 20.40 -9.50 19.27
CA PHE A 8 20.95 -10.27 20.38
C PHE A 8 22.44 -10.00 20.59
N SER A 9 23.14 -9.51 19.56
CA SER A 9 24.57 -9.24 19.70
C SER A 9 24.84 -8.10 20.67
N SER A 10 24.06 -7.04 20.63
CA SER A 10 24.27 -5.87 21.47
C SER A 10 22.96 -5.10 21.58
N THR A 11 22.90 -4.21 22.56
CA THR A 11 21.71 -3.40 22.76
C THR A 11 21.48 -2.46 21.58
N GLU A 12 20.23 -2.33 21.17
CA GLU A 12 19.86 -1.44 20.08
C GLU A 12 18.55 -0.75 20.49
N LYS A 13 18.63 0.56 20.73
CA LYS A 13 17.49 1.27 21.31
C LYS A 13 16.29 1.28 20.39
N ASN A 14 16.51 1.27 19.08
CA ASN A 14 15.42 1.34 18.12
C ASN A 14 14.73 0.00 17.97
N CYS A 15 13.85 -0.08 16.97
CA CYS A 15 13.09 -1.29 16.68
C CYS A 15 13.99 -2.51 16.57
N CYS A 16 13.80 -3.46 17.48
CA CYS A 16 14.62 -4.66 17.50
C CYS A 16 13.80 -5.81 18.08
N VAL A 17 14.24 -7.02 17.77
CA VAL A 17 13.63 -8.22 18.31
C VAL A 17 14.27 -8.53 19.65
N ARG A 18 13.46 -8.61 20.69
CA ARG A 18 13.93 -8.83 22.05
C ARG A 18 13.51 -10.22 22.51
N GLN A 19 14.39 -10.88 23.25
CA GLN A 19 14.14 -12.23 23.71
C GLN A 19 12.97 -12.26 24.69
N LEU A 20 12.12 -13.26 24.55
CA LEU A 20 10.98 -13.44 25.43
C LEU A 20 10.60 -14.92 25.46
N TYR A 21 10.36 -15.42 26.67
CA TYR A 21 10.04 -16.82 26.90
C TYR A 21 8.56 -16.97 27.18
N ILE A 22 7.89 -17.78 26.38
CA ILE A 22 6.45 -18.06 26.53
C ILE A 22 6.31 -19.47 27.08
N ASP A 23 5.74 -19.58 28.27
CA ASP A 23 5.38 -20.87 28.86
C ASP A 23 3.89 -21.08 28.65
N PHE A 24 3.55 -22.16 27.94
CA PHE A 24 2.17 -22.32 27.47
C PHE A 24 1.18 -22.31 28.63
N ARG A 25 1.40 -23.17 29.63
CA ARG A 25 0.44 -23.27 30.73
C ARG A 25 0.36 -21.99 31.53
N LYS A 26 1.52 -21.43 31.89
CA LYS A 26 1.52 -20.24 32.75
C LYS A 26 1.10 -18.99 31.98
N ASP A 27 1.55 -18.85 30.73
CA ASP A 27 1.34 -17.61 30.00
C ASP A 27 0.09 -17.63 29.15
N LEU A 28 -0.09 -18.64 28.30
CA LEU A 28 -1.19 -18.67 27.36
C LEU A 28 -2.37 -19.51 27.83
N GLY A 29 -2.19 -20.33 28.86
CA GLY A 29 -3.25 -21.22 29.28
C GLY A 29 -3.45 -22.42 28.40
N TRP A 30 -2.59 -22.62 27.41
CA TRP A 30 -2.71 -23.77 26.50
C TRP A 30 -2.23 -25.01 27.23
N LYS A 31 -3.13 -25.60 28.00
CA LYS A 31 -2.84 -26.82 28.74
C LYS A 31 -2.96 -28.05 27.85
N TRP A 32 -3.26 -27.88 26.58
CA TRP A 32 -3.41 -28.99 25.65
C TRP A 32 -2.11 -29.38 24.97
N ILE A 33 -1.04 -28.62 25.17
CA ILE A 33 0.26 -28.89 24.56
C ILE A 33 1.16 -29.55 25.58
N HIS A 34 1.67 -30.74 25.25
CA HIS A 34 2.53 -31.47 26.18
C HIS A 34 3.99 -31.05 26.04
N GLU A 35 4.53 -31.13 24.83
CA GLU A 35 5.90 -30.73 24.57
C GLU A 35 5.92 -29.76 23.39
N PRO A 36 6.68 -28.66 23.47
CA PRO A 36 7.49 -28.22 24.62
C PRO A 36 6.65 -27.52 25.67
N LYS A 37 7.01 -27.62 26.95
CA LYS A 37 6.30 -26.88 27.99
C LYS A 37 6.51 -25.39 27.87
N GLY A 38 7.48 -24.95 27.09
CA GLY A 38 7.70 -23.54 26.84
C GLY A 38 8.68 -23.37 25.70
N TYR A 39 8.68 -22.16 25.15
CA TYR A 39 9.57 -21.86 24.04
C TYR A 39 9.94 -20.38 24.09
N HIS A 40 10.65 -19.91 23.07
CA HIS A 40 11.12 -18.53 23.00
C HIS A 40 10.34 -17.82 21.90
N ALA A 41 9.35 -17.04 22.29
CA ALA A 41 8.59 -16.19 21.39
C ALA A 41 9.08 -14.76 21.57
N ASN A 42 10.10 -14.40 20.81
CA ASN A 42 10.66 -13.06 20.89
C ASN A 42 9.64 -12.04 20.40
N PHE A 43 9.74 -10.83 20.93
CA PHE A 43 8.80 -9.78 20.56
C PHE A 43 9.53 -8.55 20.02
N CYS A 44 8.92 -7.90 19.05
CA CYS A 44 9.47 -6.71 18.43
C CYS A 44 9.15 -5.48 19.28
N LEU A 45 10.14 -4.61 19.48
CA LEU A 45 9.89 -3.40 20.24
C LEU A 45 11.02 -2.41 19.98
N GLY A 46 10.68 -1.13 20.01
CA GLY A 46 11.65 -0.07 19.82
C GLY A 46 11.17 0.97 18.84
N PRO A 47 11.30 2.25 19.22
CA PRO A 47 10.84 3.33 18.35
C PRO A 47 11.60 3.33 17.02
N CYS A 48 10.90 3.77 15.97
CA CYS A 48 11.45 3.78 14.62
C CYS A 48 11.76 5.21 14.19
N PRO A 49 13.01 5.63 14.17
CA PRO A 49 13.33 6.97 13.68
C PRO A 49 13.47 6.96 12.16
N TYR A 50 13.82 8.09 11.55
CA TYR A 50 13.93 8.15 10.10
C TYR A 50 15.08 7.27 9.61
N ILE A 51 16.25 7.36 10.24
CA ILE A 51 17.39 6.60 9.78
C ILE A 51 17.33 5.21 10.41
N TRP A 52 16.52 4.34 9.84
CA TRP A 52 16.39 2.97 10.34
C TRP A 52 15.80 2.07 9.26
N SER A 53 15.41 0.86 9.63
CA SER A 53 14.91 -0.12 8.68
C SER A 53 13.42 0.09 8.46
N LEU A 54 13.11 1.05 7.58
CA LEU A 54 11.75 1.29 7.14
C LEU A 54 11.52 0.59 5.81
N ASP A 55 10.40 -0.12 5.70
CA ASP A 55 10.18 -1.03 4.59
C ASP A 55 9.44 -0.37 3.42
N THR A 56 8.24 0.16 3.66
CA THR A 56 7.43 0.76 2.62
C THR A 56 7.64 2.27 2.57
N GLN A 57 6.98 2.90 1.61
CA GLN A 57 7.10 4.35 1.47
C GLN A 57 6.26 5.08 2.50
N TYR A 58 5.11 4.52 2.87
CA TYR A 58 4.28 5.15 3.89
C TYR A 58 5.02 5.22 5.22
N SER A 59 5.84 4.22 5.52
CA SER A 59 6.63 4.27 6.74
C SER A 59 7.59 5.43 6.72
N LYS A 60 8.26 5.66 5.58
CA LYS A 60 9.18 6.79 5.48
C LYS A 60 8.43 8.11 5.59
N VAL A 61 7.25 8.21 4.99
CA VAL A 61 6.46 9.44 5.08
C VAL A 61 6.06 9.71 6.53
N LEU A 62 5.58 8.68 7.22
CA LEU A 62 5.20 8.85 8.63
C LEU A 62 6.40 9.21 9.48
N ALA A 63 7.56 8.61 9.20
CA ALA A 63 8.76 8.92 9.95
C ALA A 63 9.17 10.37 9.74
N LEU A 64 9.09 10.86 8.50
CA LEU A 64 9.38 12.26 8.23
C LEU A 64 8.40 13.17 8.97
N TYR A 65 7.12 12.80 8.98
CA TYR A 65 6.14 13.59 9.72
C TYR A 65 6.51 13.66 11.19
N ASN A 66 6.85 12.52 11.79
CA ASN A 66 7.20 12.51 13.21
C ASN A 66 8.47 13.29 13.46
N GLN A 67 9.42 13.24 12.52
CA GLN A 67 10.66 14.00 12.67
C GLN A 67 10.40 15.49 12.66
N HIS A 68 9.50 15.95 11.79
CA HIS A 68 9.17 17.37 11.75
C HIS A 68 8.06 17.76 12.73
N ASN A 69 7.46 16.78 13.40
CA ASN A 69 6.38 17.04 14.36
C ASN A 69 6.54 16.07 15.52
N PRO A 70 7.32 16.45 16.54
CA PRO A 70 7.61 15.53 17.65
C PRO A 70 6.36 15.06 18.38
N GLY A 71 5.57 15.99 18.91
CA GLY A 71 4.37 15.64 19.63
C GLY A 71 3.22 15.29 18.72
N ALA A 72 3.30 14.14 18.05
CA ALA A 72 2.31 13.75 17.05
C ALA A 72 1.66 12.40 17.32
N SER A 73 2.32 11.51 18.07
CA SER A 73 1.79 10.21 18.44
C SER A 73 1.65 9.28 17.24
N ALA A 74 1.94 9.78 16.05
CA ALA A 74 1.87 8.98 14.84
C ALA A 74 3.29 8.63 14.41
N ALA A 75 3.58 7.34 14.31
CA ALA A 75 4.90 6.87 13.92
C ALA A 75 4.80 5.40 13.59
N PRO A 76 5.65 4.90 12.70
CA PRO A 76 5.64 3.47 12.40
C PRO A 76 5.98 2.65 13.63
N CYS A 77 5.41 1.47 13.72
CA CYS A 77 5.58 0.60 14.87
C CYS A 77 6.41 -0.62 14.48
N CYS A 78 7.11 -1.15 15.48
CA CYS A 78 7.98 -2.30 15.27
C CYS A 78 7.15 -3.58 15.25
N VAL A 79 7.15 -4.28 14.13
CA VAL A 79 6.25 -5.41 13.94
C VAL A 79 7.02 -6.59 13.37
N PRO A 80 6.52 -7.80 13.59
CA PRO A 80 7.20 -9.00 13.06
C PRO A 80 7.28 -8.96 11.55
N GLN A 81 8.39 -9.46 11.01
CA GLN A 81 8.59 -9.58 9.57
C GLN A 81 8.94 -11.00 9.16
N ALA A 82 9.77 -11.69 9.93
CA ALA A 82 10.13 -13.08 9.67
C ALA A 82 9.63 -13.94 10.83
N LEU A 83 8.84 -14.96 10.50
CA LEU A 83 8.24 -15.84 11.49
C LEU A 83 8.61 -17.28 11.20
N GLU A 84 8.91 -18.03 12.25
CA GLU A 84 9.28 -19.44 12.10
C GLU A 84 8.32 -20.31 12.89
N PRO A 85 7.83 -21.40 12.30
CA PRO A 85 6.93 -22.28 13.03
C PRO A 85 7.61 -22.96 14.20
N LEU A 86 6.83 -23.23 15.24
CA LEU A 86 7.31 -23.85 16.47
C LEU A 86 7.01 -25.34 16.45
N PRO A 87 8.02 -26.19 16.67
CA PRO A 87 7.76 -27.64 16.78
C PRO A 87 7.14 -27.98 18.12
N ILE A 88 6.01 -28.69 18.08
CA ILE A 88 5.29 -29.09 19.28
C ILE A 88 4.96 -30.57 19.19
N VAL A 89 4.81 -31.19 20.37
CA VAL A 89 4.35 -32.56 20.50
C VAL A 89 3.12 -32.56 21.39
N TYR A 90 1.99 -33.03 20.88
CA TYR A 90 0.75 -33.02 21.61
C TYR A 90 0.06 -34.37 21.44
N TYR A 91 -0.69 -34.77 22.46
CA TYR A 91 -1.34 -36.07 22.47
C TYR A 91 -2.83 -35.92 22.22
N VAL A 92 -3.36 -36.78 21.35
CA VAL A 92 -4.80 -36.92 21.15
C VAL A 92 -5.15 -38.33 21.60
N GLY A 93 -5.89 -38.44 22.70
CA GLY A 93 -6.12 -39.72 23.33
C GLY A 93 -4.82 -40.33 23.82
N ARG A 94 -4.45 -41.49 23.26
CA ARG A 94 -3.15 -42.09 23.53
C ARG A 94 -2.19 -41.93 22.37
N LYS A 95 -2.50 -41.10 21.38
CA LYS A 95 -1.69 -40.99 20.17
C LYS A 95 -0.83 -39.74 20.24
N PRO A 96 0.50 -39.86 20.23
CA PRO A 96 1.34 -38.67 20.07
C PRO A 96 1.26 -38.13 18.66
N LYS A 97 1.43 -36.81 18.54
CA LYS A 97 1.44 -36.15 17.25
C LYS A 97 2.42 -34.99 17.29
N VAL A 98 3.27 -34.91 16.27
CA VAL A 98 4.25 -33.84 16.14
C VAL A 98 3.73 -32.85 15.10
N GLU A 99 3.67 -31.58 15.48
CA GLU A 99 3.12 -30.54 14.63
C GLU A 99 4.06 -29.34 14.60
N GLN A 100 3.93 -28.53 13.56
CA GLN A 100 4.69 -27.29 13.42
C GLN A 100 3.69 -26.14 13.41
N LEU A 101 3.47 -25.54 14.57
CA LEU A 101 2.58 -24.39 14.66
C LEU A 101 3.14 -23.24 13.84
N SER A 102 2.42 -22.87 12.79
CA SER A 102 2.90 -21.84 11.88
C SER A 102 2.95 -20.48 12.58
N ASN A 103 4.02 -19.73 12.31
CA ASN A 103 4.14 -18.34 12.72
C ASN A 103 4.01 -18.19 14.24
N MET A 104 4.99 -18.76 14.96
CA MET A 104 5.01 -18.66 16.40
C MET A 104 6.24 -17.96 16.97
N ILE A 105 7.33 -17.91 16.22
CA ILE A 105 8.59 -17.36 16.70
C ILE A 105 9.00 -16.20 15.80
N VAL A 106 9.37 -15.08 16.42
CA VAL A 106 9.78 -13.88 15.72
C VAL A 106 11.29 -13.95 15.51
N ARG A 107 11.73 -13.79 14.25
CA ARG A 107 13.14 -13.76 13.93
C ARG A 107 13.64 -12.40 13.45
N SER A 108 12.79 -11.63 12.78
CA SER A 108 13.17 -10.31 12.30
C SER A 108 12.01 -9.34 12.52
N CYS A 109 12.35 -8.07 12.71
CA CYS A 109 11.36 -7.04 12.95
C CYS A 109 11.57 -5.89 11.99
N LYS A 110 10.46 -5.35 11.48
CA LYS A 110 10.47 -4.21 10.57
C LYS A 110 9.70 -3.08 11.21
N CYS A 111 9.72 -1.91 10.57
CA CYS A 111 8.95 -0.76 11.01
C CYS A 111 7.82 -0.52 10.01
N SER A 112 6.60 -0.39 10.50
CA SER A 112 5.46 -0.19 9.62
C SER A 112 4.56 0.92 10.14
N ALA B 1 -10.40 -5.60 6.92
CA ALA B 1 -11.60 -5.68 7.75
C ALA B 1 -11.86 -4.35 8.45
N LEU B 2 -10.81 -3.79 9.04
CA LEU B 2 -10.92 -2.53 9.77
C LEU B 2 -10.62 -1.34 8.84
N ASP B 3 -11.33 -1.32 7.72
CA ASP B 3 -11.10 -0.33 6.68
C ASP B 3 -11.48 1.07 7.18
N THR B 4 -11.21 2.07 6.32
CA THR B 4 -11.54 3.45 6.67
C THR B 4 -13.03 3.63 6.86
N ASN B 5 -13.85 2.86 6.12
CA ASN B 5 -15.30 3.01 6.22
C ASN B 5 -15.77 2.78 7.66
N TYR B 6 -15.38 1.64 8.24
CA TYR B 6 -15.84 1.34 9.60
C TYR B 6 -15.24 2.30 10.62
N CYS B 7 -13.96 2.59 10.51
CA CYS B 7 -13.31 3.43 11.52
C CYS B 7 -13.86 4.85 11.51
N PHE B 8 -14.07 5.42 10.31
CA PHE B 8 -14.62 6.77 10.25
C PHE B 8 -16.13 6.77 10.51
N SER B 9 -16.78 5.61 10.31
CA SER B 9 -18.21 5.52 10.56
C SER B 9 -18.55 5.60 12.04
N SER B 10 -17.77 4.97 12.89
CA SER B 10 -18.07 4.96 14.32
C SER B 10 -16.75 5.00 15.09
N THR B 11 -16.72 5.79 16.16
CA THR B 11 -15.52 5.91 16.97
C THR B 11 -15.22 4.58 17.66
N GLU B 12 -13.96 4.15 17.57
CA GLU B 12 -13.53 2.89 18.14
C GLU B 12 -12.25 3.14 18.92
N LYS B 13 -12.23 2.72 20.19
CA LYS B 13 -11.03 2.88 21.00
C LYS B 13 -9.92 1.92 20.61
N ASN B 14 -10.21 0.92 19.80
CA ASN B 14 -9.23 -0.11 19.45
C ASN B 14 -8.45 0.29 18.20
N CYS B 15 -7.70 -0.69 17.68
CA CYS B 15 -6.86 -0.48 16.50
C CYS B 15 -7.70 -0.10 15.28
N CYS B 16 -7.59 1.15 14.85
CA CYS B 16 -8.35 1.64 13.72
C CYS B 16 -7.54 2.69 12.99
N VAL B 17 -7.91 2.94 11.75
CA VAL B 17 -7.30 4.01 10.97
C VAL B 17 -7.90 5.34 11.41
N ARG B 18 -7.06 6.35 11.54
CA ARG B 18 -7.50 7.68 11.94
C ARG B 18 -7.06 8.67 10.88
N GLN B 19 -7.88 9.69 10.66
CA GLN B 19 -7.58 10.68 9.63
C GLN B 19 -6.35 11.48 10.01
N LEU B 20 -5.52 11.77 9.02
CA LEU B 20 -4.30 12.55 9.21
C LEU B 20 -3.97 13.26 7.91
N TYR B 21 -3.66 14.54 8.00
CA TYR B 21 -3.32 15.34 6.83
C TYR B 21 -1.82 15.54 6.78
N ILE B 22 -1.15 14.83 5.88
CA ILE B 22 0.27 14.98 5.66
C ILE B 22 0.48 16.12 4.67
N ASP B 23 1.03 17.22 5.14
CA ASP B 23 1.28 18.41 4.33
C ASP B 23 2.70 18.33 3.81
N PHE B 24 2.85 18.34 2.48
CA PHE B 24 4.14 18.05 1.87
C PHE B 24 5.18 19.09 2.25
N ARG B 25 4.98 20.34 1.84
CA ARG B 25 6.00 21.35 2.11
C ARG B 25 6.14 21.62 3.61
N LYS B 26 5.02 21.68 4.32
CA LYS B 26 5.07 22.09 5.73
C LYS B 26 5.63 20.98 6.62
N ASP B 27 5.31 19.72 6.33
CA ASP B 27 5.69 18.62 7.21
C ASP B 27 6.78 17.74 6.63
N LEU B 28 6.57 17.12 5.47
CA LEU B 28 7.57 16.21 4.94
C LEU B 28 8.81 16.94 4.43
N GLY B 29 8.75 18.25 4.22
CA GLY B 29 9.88 18.96 3.68
C GLY B 29 10.13 18.73 2.21
N TRP B 30 9.19 18.09 1.51
CA TRP B 30 9.31 17.84 0.08
C TRP B 30 8.82 19.07 -0.64
N LYS B 31 9.74 19.90 -1.12
CA LYS B 31 9.39 21.12 -1.83
C LYS B 31 9.17 20.90 -3.31
N TRP B 32 9.42 19.69 -3.80
CA TRP B 32 9.38 19.43 -5.22
C TRP B 32 8.00 19.07 -5.75
N ILE B 33 6.99 19.06 -4.90
CA ILE B 33 5.65 18.64 -5.29
C ILE B 33 4.81 19.87 -5.57
N HIS B 34 4.22 19.93 -6.76
CA HIS B 34 3.35 21.04 -7.14
C HIS B 34 1.89 20.80 -6.79
N GLU B 35 1.42 19.55 -6.87
CA GLU B 35 0.04 19.24 -6.54
C GLU B 35 -0.07 17.75 -6.29
N PRO B 36 -0.78 17.31 -5.24
CA PRO B 36 -1.54 18.09 -4.25
C PRO B 36 -0.61 18.74 -3.23
N LYS B 37 -0.99 19.87 -2.66
CA LYS B 37 -0.14 20.52 -1.67
C LYS B 37 -0.14 19.79 -0.34
N GLY B 38 -0.98 18.79 -0.18
CA GLY B 38 -1.02 17.97 1.03
C GLY B 38 -2.13 16.94 0.92
N TYR B 39 -1.87 15.71 1.35
CA TYR B 39 -2.84 14.64 1.12
C TYR B 39 -3.25 14.01 2.44
N HIS B 40 -4.13 13.02 2.35
CA HIS B 40 -4.71 12.35 3.50
C HIS B 40 -4.02 11.00 3.68
N ALA B 41 -3.09 10.93 4.63
CA ALA B 41 -2.40 9.69 4.97
C ALA B 41 -2.92 9.25 6.33
N ASN B 42 -3.97 8.44 6.30
CA ASN B 42 -4.52 7.90 7.53
C ASN B 42 -3.47 7.08 8.26
N PHE B 43 -3.46 7.15 9.59
CA PHE B 43 -2.49 6.42 10.37
C PHE B 43 -3.20 5.44 11.31
N CYS B 44 -2.63 4.25 11.44
CA CYS B 44 -3.22 3.20 12.27
C CYS B 44 -2.85 3.44 13.72
N LEU B 45 -3.84 3.38 14.61
CA LEU B 45 -3.59 3.61 16.03
C LEU B 45 -4.67 2.90 16.83
N GLY B 46 -4.29 2.37 17.99
CA GLY B 46 -5.24 1.76 18.89
C GLY B 46 -4.77 0.43 19.44
N PRO B 47 -5.09 0.15 20.70
CA PRO B 47 -4.71 -1.12 21.31
C PRO B 47 -5.43 -2.29 20.64
N CYS B 48 -4.81 -3.46 20.75
CA CYS B 48 -5.31 -4.69 20.13
C CYS B 48 -5.64 -5.72 21.20
N PRO B 49 -6.87 -5.78 21.69
CA PRO B 49 -7.28 -6.87 22.59
C PRO B 49 -7.38 -8.17 21.83
N TYR B 50 -7.46 -9.27 22.60
CA TYR B 50 -7.49 -10.60 21.99
C TYR B 50 -8.70 -10.78 21.10
N ILE B 51 -9.83 -10.19 21.49
CA ILE B 51 -11.03 -10.24 20.66
C ILE B 51 -10.99 -9.06 19.70
N TRP B 52 -10.25 -9.22 18.60
CA TRP B 52 -10.12 -8.17 17.60
C TRP B 52 -9.53 -8.73 16.32
N SER B 53 -9.20 -7.86 15.37
CA SER B 53 -8.70 -8.30 14.06
C SER B 53 -7.25 -8.76 14.22
N LEU B 54 -7.11 -10.01 14.69
CA LEU B 54 -5.81 -10.64 14.79
C LEU B 54 -5.56 -11.49 13.56
N ASP B 55 -4.43 -11.26 12.90
CA ASP B 55 -4.17 -11.85 11.59
C ASP B 55 -3.32 -13.12 11.69
N THR B 56 -2.16 -13.03 12.33
CA THR B 56 -1.20 -14.13 12.36
C THR B 56 -1.34 -14.90 13.67
N GLN B 57 -0.84 -16.14 13.67
CA GLN B 57 -0.87 -16.95 14.88
C GLN B 57 0.00 -16.33 15.97
N TYR B 58 1.16 -15.79 15.60
CA TYR B 58 1.98 -15.10 16.58
C TYR B 58 1.26 -13.89 17.15
N SER B 59 0.42 -13.24 16.34
CA SER B 59 -0.36 -12.13 16.86
C SER B 59 -1.30 -12.60 17.95
N LYS B 60 -1.97 -13.73 17.74
CA LYS B 60 -2.84 -14.28 18.77
C LYS B 60 -2.04 -14.67 20.00
N VAL B 61 -0.87 -15.27 19.82
CA VAL B 61 -0.05 -15.67 20.95
C VAL B 61 0.37 -14.45 21.78
N LEU B 62 0.82 -13.40 21.11
CA LEU B 62 1.21 -12.20 21.84
C LEU B 62 0.02 -11.54 22.50
N ALA B 63 -1.15 -11.57 21.85
CA ALA B 63 -2.35 -11.01 22.48
C ALA B 63 -2.71 -11.77 23.74
N LEU B 64 -2.64 -13.11 23.69
CA LEU B 64 -2.91 -13.91 24.88
C LEU B 64 -1.89 -13.63 25.97
N TYR B 65 -0.62 -13.52 25.62
CA TYR B 65 0.40 -13.23 26.62
C TYR B 65 0.16 -11.86 27.26
N ASN B 66 -0.19 -10.86 26.47
CA ASN B 66 -0.51 -9.55 27.03
C ASN B 66 -1.73 -9.62 27.94
N GLN B 67 -2.75 -10.37 27.52
CA GLN B 67 -3.96 -10.49 28.33
C GLN B 67 -3.65 -11.14 29.68
N HIS B 68 -2.86 -12.20 29.68
CA HIS B 68 -2.56 -12.91 30.92
C HIS B 68 -1.36 -12.32 31.65
N ASN B 69 -0.62 -11.41 31.03
CA ASN B 69 0.48 -10.70 31.69
C ASN B 69 0.35 -9.22 31.37
N PRO B 70 -0.55 -8.52 32.07
CA PRO B 70 -0.79 -7.10 31.75
C PRO B 70 0.44 -6.22 31.89
N GLY B 71 1.31 -6.49 32.85
CA GLY B 71 2.51 -5.71 33.02
C GLY B 71 3.69 -6.25 32.25
N ALA B 72 3.55 -6.35 30.93
CA ALA B 72 4.58 -6.91 30.07
C ALA B 72 5.14 -5.91 29.07
N SER B 73 4.37 -4.89 28.70
CA SER B 73 4.72 -3.85 27.74
C SER B 73 4.94 -4.40 26.33
N ALA B 74 4.67 -5.68 26.08
CA ALA B 74 4.79 -6.27 24.77
C ALA B 74 3.39 -6.65 24.29
N ALA B 75 2.99 -6.12 23.14
CA ALA B 75 1.66 -6.36 22.60
C ALA B 75 1.70 -6.16 21.10
N PRO B 76 0.80 -6.78 20.35
CA PRO B 76 0.71 -6.51 18.92
C PRO B 76 0.37 -5.05 18.66
N CYS B 77 0.85 -4.54 17.54
CA CYS B 77 0.72 -3.13 17.22
C CYS B 77 -0.25 -2.94 16.06
N CYS B 78 -0.77 -1.72 15.94
CA CYS B 78 -1.72 -1.36 14.90
C CYS B 78 -0.95 -0.80 13.71
N VAL B 79 -1.00 -1.50 12.58
CA VAL B 79 -0.17 -1.13 11.44
C VAL B 79 -0.97 -1.26 10.15
N PRO B 80 -0.62 -0.50 9.13
CA PRO B 80 -1.37 -0.56 7.87
C PRO B 80 -1.29 -1.92 7.21
N GLN B 81 -2.40 -2.31 6.59
CA GLN B 81 -2.50 -3.58 5.86
C GLN B 81 -2.59 -3.38 4.36
N ALA B 82 -3.53 -2.56 3.90
CA ALA B 82 -3.63 -2.19 2.51
C ALA B 82 -3.38 -0.70 2.36
N LEU B 83 -2.42 -0.35 1.51
CA LEU B 83 -2.04 1.04 1.29
C LEU B 83 -2.26 1.40 -0.18
N GLU B 84 -2.66 2.64 -0.42
CA GLU B 84 -3.04 3.03 -1.78
C GLU B 84 -2.14 4.14 -2.30
N PRO B 85 -1.86 4.15 -3.61
CA PRO B 85 -0.94 5.15 -4.16
C PRO B 85 -1.54 6.55 -4.12
N LEU B 86 -0.67 7.55 -4.23
CA LEU B 86 -1.06 8.95 -4.33
C LEU B 86 -0.57 9.53 -5.65
N PRO B 87 -1.44 9.96 -6.55
CA PRO B 87 -0.96 10.65 -7.77
C PRO B 87 -0.64 12.10 -7.48
N ILE B 88 0.56 12.51 -7.87
CA ILE B 88 1.04 13.87 -7.68
C ILE B 88 1.49 14.43 -9.02
N VAL B 89 1.59 15.76 -9.06
CA VAL B 89 2.06 16.49 -10.23
C VAL B 89 3.31 17.26 -9.84
N TYR B 90 4.40 17.00 -10.55
CA TYR B 90 5.67 17.68 -10.31
C TYR B 90 6.24 18.15 -11.63
N TYR B 91 7.05 19.21 -11.58
CA TYR B 91 7.56 19.84 -12.78
C TYR B 91 9.00 19.41 -13.03
N VAL B 92 9.28 18.90 -14.22
CA VAL B 92 10.64 18.69 -14.69
C VAL B 92 10.92 19.76 -15.73
N GLY B 93 11.89 20.62 -15.45
CA GLY B 93 12.09 21.77 -16.32
C GLY B 93 10.85 22.61 -16.33
N ARG B 94 10.33 22.89 -17.52
CA ARG B 94 9.07 23.62 -17.66
C ARG B 94 7.89 22.70 -17.95
N LYS B 95 8.08 21.38 -17.89
CA LYS B 95 7.02 20.45 -18.25
C LYS B 95 6.47 19.79 -17.01
N PRO B 96 5.18 19.95 -16.70
CA PRO B 96 4.59 19.19 -15.60
C PRO B 96 4.42 17.73 -15.98
N LYS B 97 4.41 16.87 -14.96
CA LYS B 97 4.31 15.43 -15.17
C LYS B 97 3.60 14.83 -13.97
N VAL B 98 3.00 13.65 -14.18
CA VAL B 98 2.19 12.99 -13.17
C VAL B 98 2.91 11.72 -12.74
N GLU B 99 3.14 11.59 -11.43
CA GLU B 99 3.76 10.43 -10.83
C GLU B 99 2.79 9.79 -9.85
N GLN B 100 2.94 8.49 -9.63
CA GLN B 100 2.08 7.78 -8.69
C GLN B 100 2.95 7.27 -7.54
N LEU B 101 3.08 8.08 -6.49
CA LEU B 101 3.85 7.67 -5.33
C LEU B 101 3.11 6.55 -4.60
N SER B 102 3.58 5.32 -4.78
CA SER B 102 2.87 4.16 -4.27
C SER B 102 3.04 4.03 -2.76
N ASN B 103 2.04 3.39 -2.14
CA ASN B 103 2.02 3.14 -0.69
C ASN B 103 2.18 4.42 0.10
N MET B 104 1.21 5.32 -0.06
CA MET B 104 1.19 6.57 0.68
C MET B 104 -0.11 6.82 1.43
N ILE B 105 -1.22 6.22 1.01
CA ILE B 105 -2.51 6.40 1.67
C ILE B 105 -2.91 5.06 2.28
N VAL B 106 -3.23 5.07 3.57
CA VAL B 106 -3.60 3.86 4.29
C VAL B 106 -5.11 3.68 4.20
N ARG B 107 -5.53 2.52 3.70
CA ARG B 107 -6.93 2.21 3.55
C ARG B 107 -7.48 1.28 4.62
N SER B 108 -6.62 0.50 5.29
CA SER B 108 -7.07 -0.45 6.30
C SER B 108 -5.92 -0.75 7.26
N CYS B 109 -6.28 -1.16 8.48
CA CYS B 109 -5.30 -1.45 9.52
C CYS B 109 -5.46 -2.88 10.02
N LYS B 110 -4.43 -3.36 10.69
CA LYS B 110 -4.40 -4.71 11.23
C LYS B 110 -3.57 -4.73 12.50
N CYS B 111 -3.76 -5.79 13.28
CA CYS B 111 -3.04 -5.99 14.53
C CYS B 111 -1.96 -7.04 14.31
N SER B 112 -0.72 -6.65 14.50
CA SER B 112 0.40 -7.59 14.41
C SER B 112 1.60 -7.04 15.17
N CYS C 4 20.95 -17.31 -23.82
CA CYS C 4 20.14 -16.81 -24.91
C CYS C 4 20.78 -15.57 -25.54
N GLU C 5 19.99 -14.86 -26.35
CA GLU C 5 20.43 -13.62 -26.98
C GLU C 5 19.35 -12.57 -26.82
N LEU C 6 19.75 -11.35 -26.45
CA LEU C 6 18.83 -10.24 -26.29
C LEU C 6 18.56 -9.58 -27.63
N SER C 7 17.30 -9.49 -28.00
CA SER C 7 16.87 -8.91 -29.27
C SER C 7 15.66 -8.04 -29.01
N PRO C 8 15.35 -7.12 -29.92
CA PRO C 8 14.10 -6.37 -29.80
C PRO C 8 12.90 -7.31 -29.76
N ILE C 9 11.94 -6.99 -28.91
CA ILE C 9 10.81 -7.86 -28.68
C ILE C 9 9.69 -7.53 -29.66
N ASN C 10 8.80 -8.50 -29.86
CA ASN C 10 7.65 -8.37 -30.73
C ASN C 10 6.39 -8.74 -29.97
N ALA C 11 5.28 -8.85 -30.69
CA ALA C 11 4.02 -9.23 -30.06
C ALA C 11 4.09 -10.65 -29.50
N SER C 12 4.98 -11.49 -30.03
CA SER C 12 5.08 -12.86 -29.55
C SER C 12 5.75 -12.95 -28.18
N HIS C 13 6.48 -11.92 -27.76
CA HIS C 13 7.19 -11.97 -26.49
C HIS C 13 6.18 -12.00 -25.35
N PRO C 14 6.36 -12.87 -24.35
CA PRO C 14 5.36 -13.00 -23.28
C PRO C 14 5.18 -11.75 -22.44
N VAL C 15 6.15 -10.85 -22.42
CA VAL C 15 6.08 -9.64 -21.60
C VAL C 15 6.17 -8.44 -22.50
N GLN C 16 5.19 -7.54 -22.40
CA GLN C 16 5.25 -6.24 -23.03
C GLN C 16 5.49 -5.20 -21.94
N ALA C 17 6.13 -4.11 -22.32
CA ALA C 17 6.64 -3.16 -21.34
C ALA C 17 6.00 -1.80 -21.51
N LEU C 18 4.68 -1.76 -21.63
CA LEU C 18 3.96 -0.50 -21.82
C LEU C 18 4.32 0.49 -20.71
N MET C 19 4.11 1.77 -21.01
CA MET C 19 4.24 2.83 -20.02
C MET C 19 2.92 3.58 -19.92
N GLU C 20 2.39 3.69 -18.71
CA GLU C 20 1.12 4.34 -18.44
C GLU C 20 1.39 5.74 -17.92
N SER C 21 0.94 6.74 -18.67
CA SER C 21 1.21 8.13 -18.33
C SER C 21 -0.07 8.94 -18.42
N PHE C 22 -0.14 10.02 -17.63
CA PHE C 22 -1.27 10.93 -17.62
C PHE C 22 -0.80 12.27 -18.15
N THR C 23 -1.51 12.79 -19.16
CA THR C 23 -1.07 14.01 -19.82
C THR C 23 -2.28 14.71 -20.43
N VAL C 24 -2.20 16.04 -20.51
CA VAL C 24 -3.13 16.85 -21.28
C VAL C 24 -2.32 17.74 -22.21
N LEU C 25 -2.80 17.89 -23.44
CA LEU C 25 -2.08 18.72 -24.41
C LEU C 25 -2.02 20.17 -23.95
N SER C 26 -3.13 20.69 -23.43
CA SER C 26 -3.14 22.02 -22.85
C SER C 26 -4.38 22.13 -21.97
N GLY C 27 -4.45 23.20 -21.18
CA GLY C 27 -5.64 23.36 -20.37
C GLY C 27 -5.52 24.54 -19.45
N CYS C 28 -6.61 24.76 -18.70
CA CYS C 28 -6.69 25.82 -17.71
C CYS C 28 -7.85 25.55 -16.76
N ALA C 29 -7.62 25.70 -15.46
CA ALA C 29 -8.68 25.56 -14.48
C ALA C 29 -8.95 26.91 -13.85
N SER C 30 -10.21 27.30 -13.79
CA SER C 30 -10.59 28.61 -13.30
C SER C 30 -11.55 28.45 -12.13
N ARG C 31 -11.35 29.27 -11.10
CA ARG C 31 -12.23 29.31 -9.95
C ARG C 31 -13.40 30.27 -10.14
N GLY C 32 -13.49 30.92 -11.30
CA GLY C 32 -14.47 31.96 -11.51
C GLY C 32 -15.88 31.46 -11.78
N THR C 33 -16.19 30.25 -11.30
CA THR C 33 -17.53 29.70 -11.44
C THR C 33 -18.19 29.41 -10.10
N THR C 34 -17.57 29.80 -8.99
CA THR C 34 -18.22 29.64 -7.70
C THR C 34 -19.48 30.49 -7.61
N GLY C 35 -19.42 31.73 -8.09
CA GLY C 35 -20.60 32.58 -8.11
C GLY C 35 -21.65 32.08 -9.08
N LEU C 36 -21.23 31.60 -10.23
CA LEU C 36 -22.17 31.14 -11.24
C LEU C 36 -22.89 29.88 -10.77
N PRO C 37 -24.16 29.72 -11.16
CA PRO C 37 -24.93 28.58 -10.65
C PRO C 37 -24.47 27.23 -11.17
N ARG C 38 -23.84 27.18 -12.34
CA ARG C 38 -23.48 25.91 -12.97
C ARG C 38 -22.00 25.91 -13.31
N GLU C 39 -21.31 24.83 -12.92
CA GLU C 39 -19.92 24.64 -13.32
C GLU C 39 -19.84 24.28 -14.79
N VAL C 40 -18.72 24.62 -15.41
CA VAL C 40 -18.50 24.35 -16.83
C VAL C 40 -17.18 23.61 -16.98
N HIS C 41 -17.24 22.38 -17.47
CA HIS C 41 -16.06 21.59 -17.79
C HIS C 41 -16.07 21.35 -19.29
N VAL C 42 -14.98 21.73 -19.95
CA VAL C 42 -14.88 21.65 -21.40
C VAL C 42 -13.71 20.72 -21.74
N LEU C 43 -13.96 19.78 -22.64
CA LEU C 43 -12.93 18.90 -23.14
C LEU C 43 -12.83 19.09 -24.65
N ASN C 44 -11.64 19.40 -25.13
CA ASN C 44 -11.37 19.47 -26.56
C ASN C 44 -10.44 18.31 -26.91
N LEU C 45 -11.00 17.28 -27.52
CA LEU C 45 -10.23 16.10 -27.86
C LEU C 45 -9.59 16.29 -29.23
N ARG C 46 -8.45 15.64 -29.42
CA ARG C 46 -7.71 15.70 -30.68
C ARG C 46 -7.47 14.28 -31.16
N SER C 47 -7.55 14.09 -32.47
CA SER C 47 -7.27 12.80 -33.07
C SER C 47 -5.93 12.86 -33.81
N THR C 48 -5.55 11.72 -34.38
CA THR C 48 -4.34 11.62 -35.17
C THR C 48 -4.69 11.48 -36.65
N ASP C 49 -3.67 11.26 -37.48
CA ASP C 49 -3.85 11.08 -38.91
C ASP C 49 -4.13 9.63 -39.28
N GLN C 50 -4.24 8.73 -38.31
CA GLN C 50 -4.50 7.34 -38.57
C GLN C 50 -5.91 7.15 -39.16
N GLY C 51 -6.17 5.95 -39.65
CA GLY C 51 -7.45 5.60 -40.21
C GLY C 51 -8.60 5.77 -39.23
N PRO C 52 -9.69 6.40 -39.67
CA PRO C 52 -10.83 6.59 -38.77
C PRO C 52 -11.40 5.30 -38.21
N GLY C 53 -11.39 4.22 -39.00
CA GLY C 53 -11.86 2.95 -38.48
C GLY C 53 -11.02 2.43 -37.34
N GLN C 54 -9.70 2.60 -37.42
CA GLN C 54 -8.81 2.16 -36.35
C GLN C 54 -8.99 2.99 -35.08
N ARG C 55 -9.48 4.22 -35.20
CA ARG C 55 -9.69 5.05 -34.02
C ARG C 55 -10.79 4.48 -33.15
N GLN C 56 -10.54 4.40 -31.84
CA GLN C 56 -11.54 3.88 -30.92
C GLN C 56 -12.68 4.86 -30.79
N ARG C 57 -13.91 4.38 -30.99
CA ARG C 57 -15.09 5.22 -30.93
C ARG C 57 -15.58 5.45 -29.51
N GLU C 58 -15.08 4.70 -28.54
CA GLU C 58 -15.59 4.75 -27.17
C GLU C 58 -14.63 5.52 -26.27
N VAL C 59 -15.21 6.36 -25.40
CA VAL C 59 -14.48 7.08 -24.37
C VAL C 59 -15.14 6.74 -23.04
N THR C 60 -14.35 6.78 -21.98
CA THR C 60 -14.78 6.30 -20.67
C THR C 60 -14.61 7.39 -19.62
N LEU C 61 -15.18 8.56 -19.90
CA LEU C 61 -15.10 9.70 -18.99
C LEU C 61 -15.45 9.32 -17.56
N HIS C 62 -14.45 9.35 -16.67
CA HIS C 62 -14.65 9.11 -15.25
C HIS C 62 -14.94 10.43 -14.56
N LEU C 63 -15.93 10.45 -13.67
CA LEU C 63 -16.24 11.62 -12.88
C LEU C 63 -16.04 11.31 -11.41
N ASN C 64 -15.32 12.19 -10.72
CA ASN C 64 -15.12 12.06 -9.29
C ASN C 64 -15.24 13.45 -8.67
N PRO C 65 -15.37 13.53 -7.35
CA PRO C 65 -15.20 14.83 -6.69
C PRO C 65 -13.73 15.03 -6.32
N ILE C 66 -13.32 16.30 -6.27
CA ILE C 66 -11.94 16.61 -5.91
C ILE C 66 -11.65 16.14 -4.49
N ALA C 67 -10.36 16.06 -4.17
CA ALA C 67 -9.94 15.52 -2.88
C ALA C 67 -10.49 16.30 -1.71
N SER C 68 -10.77 17.59 -1.88
CA SER C 68 -11.30 18.41 -0.80
C SER C 68 -12.82 18.39 -0.72
N VAL C 69 -13.48 17.58 -1.55
CA VAL C 69 -14.93 17.49 -1.56
C VAL C 69 -15.34 16.03 -1.40
N HIS C 70 -16.10 15.73 -0.35
CA HIS C 70 -16.56 14.36 -0.14
C HIS C 70 -17.61 13.98 -1.18
N THR C 71 -18.59 14.84 -1.41
CA THR C 71 -19.60 14.62 -2.43
C THR C 71 -19.96 15.95 -3.08
N HIS C 72 -20.11 15.94 -4.39
CA HIS C 72 -20.30 17.16 -5.17
C HIS C 72 -21.79 17.33 -5.46
N HIS C 73 -22.38 18.40 -4.92
CA HIS C 73 -23.79 18.74 -5.15
C HIS C 73 -23.84 20.15 -5.72
N LYS C 74 -23.78 20.24 -7.05
CA LYS C 74 -23.86 21.51 -7.77
C LYS C 74 -24.10 21.22 -9.25
N PRO C 75 -24.97 21.97 -9.92
CA PRO C 75 -25.20 21.73 -11.35
C PRO C 75 -23.91 21.87 -12.14
N ILE C 76 -23.73 20.97 -13.10
CA ILE C 76 -22.52 20.92 -13.91
C ILE C 76 -22.90 20.78 -15.37
N VAL C 77 -22.22 21.53 -16.23
CA VAL C 77 -22.38 21.46 -17.68
C VAL C 77 -21.06 21.01 -18.27
N PHE C 78 -21.07 19.88 -18.96
CA PHE C 78 -19.87 19.31 -19.55
C PHE C 78 -19.92 19.53 -21.06
N LEU C 79 -18.94 20.26 -21.59
CA LEU C 79 -18.80 20.49 -23.02
C LEU C 79 -17.84 19.45 -23.57
N LEU C 80 -18.38 18.44 -24.24
CA LEU C 80 -17.58 17.33 -24.75
C LEU C 80 -17.39 17.52 -26.25
N ASN C 81 -16.33 18.22 -26.61
CA ASN C 81 -16.05 18.57 -28.00
C ASN C 81 -14.94 17.69 -28.55
N SER C 82 -15.18 17.12 -29.73
CA SER C 82 -14.20 16.31 -30.41
C SER C 82 -14.50 16.33 -31.90
N PRO C 83 -13.48 16.38 -32.76
CA PRO C 83 -13.72 16.43 -34.20
C PRO C 83 -14.18 15.10 -34.79
N GLN C 84 -14.44 14.11 -33.92
CA GLN C 84 -14.90 12.80 -34.35
C GLN C 84 -16.11 12.40 -33.52
N PRO C 85 -17.08 11.71 -34.14
CA PRO C 85 -18.20 11.16 -33.36
C PRO C 85 -17.70 10.16 -32.33
N LEU C 86 -18.22 10.28 -31.10
CA LEU C 86 -17.76 9.46 -29.99
C LEU C 86 -18.96 9.00 -29.16
N VAL C 87 -18.74 7.93 -28.41
CA VAL C 87 -19.67 7.48 -27.38
C VAL C 87 -18.94 7.53 -26.04
N TRP C 88 -19.50 8.28 -25.09
CA TRP C 88 -18.84 8.55 -23.82
C TRP C 88 -19.43 7.64 -22.75
N HIS C 89 -18.73 6.55 -22.44
CA HIS C 89 -19.17 5.61 -21.42
C HIS C 89 -18.87 6.23 -20.06
N LEU C 90 -19.80 7.05 -19.57
CA LEU C 90 -19.59 7.74 -18.30
C LEU C 90 -19.51 6.74 -17.14
N LYS C 91 -18.72 7.11 -16.14
CA LYS C 91 -18.61 6.35 -14.90
C LYS C 91 -18.45 7.35 -13.77
N THR C 92 -19.49 7.55 -12.97
CA THR C 92 -19.45 8.55 -11.91
C THR C 92 -19.24 7.89 -10.55
N GLU C 93 -18.59 8.63 -9.65
CA GLU C 93 -18.35 8.13 -8.31
C GLU C 93 -18.53 9.28 -7.32
N ARG C 94 -19.21 8.99 -6.20
CA ARG C 94 -19.36 9.95 -5.10
C ARG C 94 -19.96 11.26 -5.57
N LEU C 95 -20.87 11.21 -6.54
CA LEU C 95 -21.60 12.39 -6.99
C LEU C 95 -22.98 12.40 -6.39
N ALA C 96 -23.47 13.58 -6.04
CA ALA C 96 -24.78 13.71 -5.41
C ALA C 96 -25.88 13.32 -6.41
N ALA C 97 -27.05 13.03 -5.85
CA ALA C 97 -28.19 12.56 -6.63
C ALA C 97 -29.28 13.63 -6.67
N GLY C 98 -29.96 13.73 -7.82
CA GLY C 98 -31.06 14.65 -7.99
C GLY C 98 -30.69 16.03 -8.50
N VAL C 99 -29.41 16.36 -8.54
CA VAL C 99 -29.00 17.66 -9.09
C VAL C 99 -28.99 17.58 -10.61
N PRO C 100 -29.70 18.46 -11.31
CA PRO C 100 -29.70 18.40 -12.78
C PRO C 100 -28.30 18.65 -13.34
N ARG C 101 -27.98 17.92 -14.41
CA ARG C 101 -26.67 18.02 -15.04
C ARG C 101 -26.87 18.07 -16.56
N LEU C 102 -25.97 18.75 -17.25
CA LEU C 102 -26.07 18.97 -18.68
C LEU C 102 -24.80 18.48 -19.37
N PHE C 103 -24.97 17.85 -20.53
CA PHE C 103 -23.85 17.35 -21.32
C PHE C 103 -24.01 17.86 -22.74
N LEU C 104 -23.36 18.99 -23.04
CA LEU C 104 -23.33 19.54 -24.39
C LEU C 104 -22.21 18.85 -25.14
N VAL C 105 -22.56 17.81 -25.88
CA VAL C 105 -21.57 17.04 -26.61
C VAL C 105 -21.56 17.48 -28.06
N SER C 106 -20.53 17.08 -28.79
CA SER C 106 -20.46 17.41 -30.20
C SER C 106 -21.54 16.66 -30.98
N GLU C 107 -21.87 17.17 -32.16
CA GLU C 107 -22.90 16.56 -32.99
C GLU C 107 -22.50 15.14 -33.37
N GLY C 108 -23.48 14.24 -33.33
CA GLY C 108 -23.21 12.84 -33.64
C GLY C 108 -22.61 12.05 -32.51
N SER C 109 -22.62 12.59 -31.30
CA SER C 109 -22.05 11.91 -30.14
C SER C 109 -23.15 11.58 -29.14
N VAL C 110 -23.05 10.38 -28.57
CA VAL C 110 -24.04 9.87 -27.63
C VAL C 110 -23.35 9.59 -26.31
N VAL C 111 -24.07 9.80 -25.21
CA VAL C 111 -23.55 9.61 -23.87
C VAL C 111 -24.30 8.46 -23.23
N GLN C 112 -23.57 7.40 -22.86
CA GLN C 112 -24.16 6.23 -22.21
C GLN C 112 -24.04 6.39 -20.71
N PHE C 113 -25.01 7.09 -20.13
CA PHE C 113 -25.02 7.32 -18.70
C PHE C 113 -25.10 6.00 -17.96
N PRO C 114 -24.42 5.84 -16.83
CA PRO C 114 -24.57 4.63 -16.03
C PRO C 114 -25.91 4.62 -15.32
N SER C 115 -26.24 3.46 -14.76
CA SER C 115 -27.50 3.31 -14.04
C SER C 115 -27.45 4.09 -12.73
N GLY C 116 -28.63 4.33 -12.17
CA GLY C 116 -28.77 5.06 -10.92
C GLY C 116 -29.49 6.38 -11.10
N ASN C 117 -29.41 7.19 -10.04
CA ASN C 117 -30.08 8.48 -10.05
C ASN C 117 -29.43 9.46 -11.02
N PHE C 118 -28.14 9.25 -11.33
CA PHE C 118 -27.42 10.18 -12.19
C PHE C 118 -28.08 10.31 -13.55
N SER C 119 -28.45 9.18 -14.16
CA SER C 119 -29.10 9.22 -15.46
C SER C 119 -30.54 9.73 -15.38
N LEU C 120 -31.09 9.87 -14.17
CA LEU C 120 -32.46 10.35 -14.01
C LEU C 120 -32.60 11.85 -14.18
N THR C 121 -31.53 12.62 -13.95
CA THR C 121 -31.57 14.07 -14.06
C THR C 121 -30.39 14.58 -14.89
N ALA C 122 -30.15 13.95 -16.04
CA ALA C 122 -29.05 14.32 -16.92
C ALA C 122 -29.61 14.58 -18.32
N GLU C 123 -29.36 15.77 -18.86
CA GLU C 123 -29.84 16.16 -20.18
C GLU C 123 -28.64 16.27 -21.12
N THR C 124 -28.69 15.53 -22.22
CA THR C 124 -27.63 15.56 -23.22
C THR C 124 -28.11 16.28 -24.47
N GLU C 125 -27.27 17.20 -24.96
CA GLU C 125 -27.60 17.99 -26.14
C GLU C 125 -26.41 17.97 -27.10
N GLU C 126 -26.67 17.63 -28.35
CA GLU C 126 -25.63 17.61 -29.37
C GLU C 126 -25.58 18.96 -30.09
N ARG C 127 -24.38 19.50 -30.24
CA ARG C 127 -24.19 20.84 -30.78
C ARG C 127 -23.01 20.81 -31.75
N ASN C 128 -22.52 21.98 -32.11
CA ASN C 128 -21.56 22.17 -33.20
C ASN C 128 -20.40 23.04 -32.75
N PHE C 129 -19.74 22.63 -31.66
CA PHE C 129 -18.60 23.36 -31.10
C PHE C 129 -17.49 23.54 -32.13
N PRO C 130 -16.80 24.67 -32.12
CA PRO C 130 -15.66 24.85 -33.03
C PRO C 130 -14.51 23.91 -32.66
N GLN C 131 -13.72 23.57 -33.67
CA GLN C 131 -12.58 22.67 -33.51
C GLN C 131 -11.30 23.41 -33.16
N GLU C 132 -11.40 24.61 -32.58
CA GLU C 132 -10.25 25.40 -32.18
C GLU C 132 -10.35 25.70 -30.69
N ASN C 133 -9.19 25.67 -30.01
CA ASN C 133 -9.20 25.88 -28.57
C ASN C 133 -9.72 27.26 -28.19
N GLU C 134 -9.19 28.31 -28.82
CA GLU C 134 -9.60 29.66 -28.47
C GLU C 134 -11.08 29.88 -28.80
N HIS C 135 -11.53 29.42 -29.96
CA HIS C 135 -12.92 29.59 -30.33
C HIS C 135 -13.84 28.84 -29.38
N LEU C 136 -13.48 27.60 -29.03
CA LEU C 136 -14.32 26.81 -28.12
C LEU C 136 -14.37 27.43 -26.74
N LEU C 137 -13.23 27.91 -26.24
CA LEU C 137 -13.22 28.57 -24.93
C LEU C 137 -14.05 29.85 -24.96
N ARG C 138 -13.95 30.63 -26.04
CA ARG C 138 -14.75 31.84 -26.15
C ARG C 138 -16.23 31.52 -26.19
N TRP C 139 -16.63 30.48 -26.94
CA TRP C 139 -18.03 30.10 -27.00
C TRP C 139 -18.54 29.67 -25.63
N ALA C 140 -17.75 28.86 -24.92
CA ALA C 140 -18.14 28.42 -23.59
C ALA C 140 -18.26 29.59 -22.63
N GLN C 141 -17.31 30.51 -22.67
CA GLN C 141 -17.36 31.67 -21.78
C GLN C 141 -18.57 32.56 -22.09
N LYS C 142 -18.85 32.76 -23.37
CA LYS C 142 -20.01 33.56 -23.74
C LYS C 142 -21.31 32.90 -23.30
N GLU C 143 -21.41 31.59 -23.48
CA GLU C 143 -22.66 30.91 -23.14
C GLU C 143 -22.88 30.82 -21.64
N TYR C 144 -21.81 30.56 -20.87
CA TYR C 144 -21.96 30.29 -19.45
C TYR C 144 -21.07 31.15 -18.57
N GLY C 145 -20.63 32.31 -19.06
CA GLY C 145 -19.89 33.23 -18.21
C GLY C 145 -18.43 32.87 -18.04
N ALA C 146 -18.16 31.85 -17.22
CA ALA C 146 -16.80 31.42 -16.93
C ALA C 146 -16.75 29.91 -16.86
N VAL C 147 -15.66 29.33 -17.37
CA VAL C 147 -15.48 27.89 -17.40
C VAL C 147 -14.74 27.48 -16.13
N THR C 148 -15.27 26.47 -15.44
CA THR C 148 -14.57 25.95 -14.26
C THR C 148 -13.32 25.18 -14.66
N SER C 149 -13.33 24.58 -15.86
CA SER C 149 -12.20 23.79 -16.30
C SER C 149 -12.24 23.66 -17.82
N PHE C 150 -11.07 23.70 -18.45
CA PHE C 150 -10.94 23.43 -19.87
C PHE C 150 -9.70 22.59 -20.06
N THR C 151 -9.79 21.56 -20.89
CA THR C 151 -8.65 20.70 -21.16
C THR C 151 -8.70 20.21 -22.59
N GLU C 152 -7.63 20.46 -23.35
CA GLU C 152 -7.45 19.87 -24.66
C GLU C 152 -6.49 18.70 -24.54
N LEU C 153 -6.92 17.54 -25.03
CA LEU C 153 -6.15 16.32 -24.85
C LEU C 153 -6.39 15.38 -26.02
N LYS C 154 -5.48 14.44 -26.20
CA LYS C 154 -5.66 13.42 -27.23
C LYS C 154 -6.80 12.49 -26.82
N ILE C 155 -7.38 11.83 -27.82
CA ILE C 155 -8.49 10.92 -27.55
C ILE C 155 -7.94 9.65 -26.92
N ALA C 156 -8.13 9.50 -25.61
CA ALA C 156 -7.66 8.35 -24.87
C ALA C 156 -8.81 7.45 -24.50
N ARG C 157 -8.48 6.24 -24.05
CA ARG C 157 -9.51 5.31 -23.60
C ARG C 157 -10.15 5.75 -22.30
N ASN C 158 -9.38 6.36 -21.40
CA ASN C 158 -9.88 6.82 -20.11
C ASN C 158 -9.53 8.28 -19.91
N ILE C 159 -10.49 9.04 -19.40
CA ILE C 159 -10.35 10.48 -19.18
C ILE C 159 -10.95 10.79 -17.81
N TYR C 160 -10.10 11.04 -16.82
CA TYR C 160 -10.54 11.30 -15.45
C TYR C 160 -10.77 12.79 -15.27
N ILE C 161 -11.94 13.15 -14.75
CA ILE C 161 -12.29 14.53 -14.43
C ILE C 161 -12.74 14.56 -12.97
N LYS C 162 -12.22 15.52 -12.22
CA LYS C 162 -12.57 15.72 -10.82
C LYS C 162 -13.26 17.06 -10.70
N VAL C 163 -14.57 17.03 -10.45
CA VAL C 163 -15.37 18.25 -10.44
C VAL C 163 -15.23 18.96 -9.10
N GLY C 164 -15.67 20.20 -9.06
CA GLY C 164 -15.58 21.02 -7.86
C GLY C 164 -14.52 22.09 -8.06
N GLU C 165 -14.76 23.27 -7.50
CA GLU C 165 -13.84 24.39 -7.65
C GLU C 165 -12.75 24.32 -6.60
N ASP C 166 -11.50 24.48 -7.04
CA ASP C 166 -10.36 24.65 -6.16
C ASP C 166 -9.94 26.10 -6.18
N GLN C 167 -9.87 26.73 -5.01
CA GLN C 167 -9.60 28.15 -4.94
C GLN C 167 -8.15 28.51 -5.22
N VAL C 168 -7.25 27.53 -5.32
CA VAL C 168 -5.88 27.81 -5.70
C VAL C 168 -5.74 28.06 -7.20
N PHE C 169 -6.74 27.67 -7.99
CA PHE C 169 -6.68 27.87 -9.42
C PHE C 169 -6.85 29.35 -9.76
N PRO C 170 -6.33 29.78 -10.91
CA PRO C 170 -6.42 31.19 -11.29
C PRO C 170 -7.86 31.63 -11.47
N PRO C 171 -8.16 32.91 -11.22
CA PRO C 171 -9.56 33.38 -11.32
C PRO C 171 -10.15 33.24 -12.71
N THR C 172 -9.34 33.37 -13.76
CA THR C 172 -9.82 33.29 -15.13
C THR C 172 -8.96 32.31 -15.91
N CYS C 173 -9.60 31.58 -16.81
CA CYS C 173 -8.90 30.58 -17.62
C CYS C 173 -7.91 31.24 -18.56
N ASN C 174 -6.73 30.64 -18.68
CA ASN C 174 -5.72 31.09 -19.63
C ASN C 174 -5.01 29.84 -20.14
N ILE C 175 -5.37 29.41 -21.34
CA ILE C 175 -4.86 28.15 -21.87
C ILE C 175 -3.35 28.23 -22.07
N GLY C 176 -2.64 27.19 -21.59
CA GLY C 176 -1.22 27.07 -21.81
C GLY C 176 -0.83 25.64 -22.08
N LYS C 177 0.20 25.44 -22.91
CA LYS C 177 0.62 24.08 -23.22
C LYS C 177 1.20 23.39 -21.98
N ASN C 178 1.94 24.13 -21.16
CA ASN C 178 2.58 23.57 -19.98
C ASN C 178 1.69 23.75 -18.74
N PHE C 179 0.51 23.14 -18.80
CA PHE C 179 -0.38 23.07 -17.66
C PHE C 179 -0.92 21.66 -17.53
N LEU C 180 -0.96 21.16 -16.30
CA LEU C 180 -1.46 19.82 -16.02
C LEU C 180 -1.84 19.77 -14.56
N SER C 181 -3.15 19.68 -14.28
CA SER C 181 -3.66 19.48 -12.94
C SER C 181 -4.20 18.07 -12.85
N LEU C 182 -3.94 17.40 -11.72
CA LEU C 182 -4.28 15.99 -11.60
C LEU C 182 -5.78 15.74 -11.64
N ASN C 183 -6.60 16.78 -11.49
CA ASN C 183 -8.04 16.60 -11.63
C ASN C 183 -8.39 16.14 -13.05
N TYR C 184 -8.14 16.98 -14.04
CA TYR C 184 -8.54 16.71 -15.42
C TYR C 184 -7.35 16.18 -16.18
N LEU C 185 -7.35 14.88 -16.47
CA LEU C 185 -6.27 14.31 -17.27
C LEU C 185 -6.76 13.06 -17.97
N ALA C 186 -5.94 12.56 -18.88
CA ALA C 186 -6.23 11.36 -19.65
C ALA C 186 -5.24 10.27 -19.28
N GLU C 187 -5.51 9.05 -19.73
CA GLU C 187 -4.62 7.93 -19.41
C GLU C 187 -4.17 7.29 -20.71
N TYR C 188 -2.88 7.35 -20.99
CA TYR C 188 -2.30 6.80 -22.21
C TYR C 188 -1.37 5.64 -21.89
N LEU C 189 -1.45 4.59 -22.70
CA LEU C 189 -0.54 3.45 -22.61
C LEU C 189 0.32 3.42 -23.87
N GLN C 190 1.61 3.67 -23.71
CA GLN C 190 2.54 3.73 -24.82
C GLN C 190 3.43 2.50 -24.80
N PRO C 191 3.36 1.60 -25.77
CA PRO C 191 4.22 0.42 -25.76
C PRO C 191 5.69 0.78 -25.98
N LYS C 192 6.49 0.66 -24.93
CA LYS C 192 7.90 1.01 -25.00
C LYS C 192 8.72 -0.17 -25.50
N ALA C 193 9.73 0.13 -26.30
CA ALA C 193 10.62 -0.91 -26.80
C ALA C 193 11.47 -1.48 -25.68
N ALA C 194 11.74 -2.79 -25.75
CA ALA C 194 12.54 -3.45 -24.73
C ALA C 194 13.19 -4.68 -25.33
N GLU C 195 14.21 -5.18 -24.66
CA GLU C 195 14.90 -6.39 -25.04
C GLU C 195 14.33 -7.58 -24.28
N GLY C 196 14.58 -8.78 -24.81
CA GLY C 196 14.12 -9.97 -24.13
C GLY C 196 14.54 -11.21 -24.88
N CYS C 197 14.28 -12.35 -24.25
CA CYS C 197 14.57 -13.64 -24.88
C CYS C 197 13.74 -14.72 -24.20
N VAL C 198 13.33 -15.71 -24.98
CA VAL C 198 12.51 -16.81 -24.50
C VAL C 198 13.31 -18.10 -24.67
N LEU C 199 13.41 -18.88 -23.60
CA LEU C 199 14.11 -20.14 -23.66
C LEU C 199 13.19 -21.21 -24.27
N PRO C 200 13.64 -21.94 -25.28
CA PRO C 200 12.81 -22.98 -25.89
C PRO C 200 12.53 -24.09 -24.88
N SER C 201 11.27 -24.19 -24.47
CA SER C 201 10.86 -25.13 -23.44
C SER C 201 9.61 -25.89 -23.87
N GLN C 202 9.53 -27.15 -23.45
CA GLN C 202 8.32 -27.92 -23.65
C GLN C 202 7.20 -27.37 -22.75
N PRO C 203 5.95 -27.60 -23.13
CA PRO C 203 4.84 -27.12 -22.30
C PRO C 203 4.93 -27.65 -20.88
N HIS C 204 4.87 -26.73 -19.90
CA HIS C 204 5.03 -27.06 -18.50
C HIS C 204 4.02 -26.29 -17.67
N GLU C 205 3.68 -26.84 -16.51
CA GLU C 205 2.86 -26.15 -15.54
C GLU C 205 3.66 -25.15 -14.70
N LYS C 206 4.98 -25.17 -14.81
CA LYS C 206 5.86 -24.24 -14.12
C LYS C 206 6.43 -23.25 -15.12
N GLU C 207 6.32 -21.97 -14.81
CA GLU C 207 6.86 -20.93 -15.67
C GLU C 207 7.65 -19.93 -14.84
N VAL C 208 8.82 -19.54 -15.34
CA VAL C 208 9.68 -18.56 -14.70
C VAL C 208 9.87 -17.40 -15.67
N HIS C 209 9.33 -16.24 -15.30
CA HIS C 209 9.48 -15.03 -16.07
C HIS C 209 10.29 -14.03 -15.26
N ILE C 210 11.42 -13.60 -15.83
CA ILE C 210 12.30 -12.62 -15.21
C ILE C 210 12.06 -11.29 -15.91
N ILE C 211 11.79 -10.26 -15.12
CA ILE C 211 11.54 -8.92 -15.63
C ILE C 211 12.53 -7.98 -14.97
N GLU C 212 13.35 -7.32 -15.77
CA GLU C 212 14.34 -6.37 -15.29
C GLU C 212 13.95 -4.98 -15.79
N LEU C 213 13.98 -4.02 -14.89
CA LEU C 213 13.63 -2.64 -15.20
C LEU C 213 14.82 -1.75 -14.88
N ILE C 214 15.16 -0.87 -15.82
CA ILE C 214 16.33 -0.01 -15.63
C ILE C 214 15.90 1.30 -15.00
N THR C 215 15.03 2.04 -15.69
CA THR C 215 14.58 3.34 -15.21
C THR C 215 13.05 3.33 -15.09
N PRO C 216 12.50 3.43 -13.88
CA PRO C 216 11.05 3.37 -13.74
C PRO C 216 10.36 4.65 -14.15
N SER C 217 10.95 5.79 -13.83
CA SER C 217 10.31 7.08 -14.06
C SER C 217 11.35 8.11 -14.46
N SER C 218 10.89 9.16 -15.15
CA SER C 218 11.78 10.18 -15.69
C SER C 218 12.25 11.20 -14.67
N ASN C 219 11.67 11.21 -13.47
CA ASN C 219 12.10 12.18 -12.47
C ASN C 219 13.49 11.82 -11.98
N PRO C 220 14.41 12.80 -11.93
CA PRO C 220 15.75 12.52 -11.41
C PRO C 220 15.80 12.38 -9.90
N TYR C 221 14.65 12.37 -9.24
CA TYR C 221 14.55 12.25 -7.78
C TYR C 221 14.25 10.83 -7.36
N SER C 222 14.83 9.84 -8.04
CA SER C 222 14.40 8.45 -7.90
C SER C 222 14.84 7.86 -6.56
N ALA C 223 14.38 8.52 -5.50
CA ALA C 223 14.41 7.98 -4.15
C ALA C 223 13.02 7.62 -3.67
N PHE C 224 11.99 7.84 -4.49
CA PHE C 224 10.61 7.59 -4.13
C PHE C 224 10.07 6.43 -4.95
N GLN C 225 9.29 5.58 -4.31
CA GLN C 225 8.76 4.42 -5.00
C GLN C 225 7.78 4.84 -6.08
N VAL C 226 7.65 3.98 -7.10
CA VAL C 226 6.68 4.14 -8.15
C VAL C 226 5.96 2.82 -8.31
N ASP C 227 4.71 2.87 -8.72
CA ASP C 227 3.91 1.67 -8.93
C ASP C 227 4.18 1.14 -10.33
N ILE C 228 4.70 -0.08 -10.40
CA ILE C 228 4.96 -0.75 -11.68
C ILE C 228 3.92 -1.84 -11.81
N ILE C 229 2.79 -1.52 -12.41
CA ILE C 229 1.65 -2.41 -12.45
C ILE C 229 1.90 -3.52 -13.47
N VAL C 230 1.76 -4.76 -13.04
CA VAL C 230 1.97 -5.92 -13.89
C VAL C 230 0.61 -6.57 -14.14
N ASP C 231 0.20 -6.60 -15.41
CA ASP C 231 -1.05 -7.24 -15.82
C ASP C 231 -0.74 -8.67 -16.25
N ILE C 232 -1.47 -9.63 -15.68
CA ILE C 232 -1.35 -11.03 -16.05
C ILE C 232 -2.72 -11.51 -16.51
N ARG C 233 -2.90 -11.60 -17.83
CA ARG C 233 -4.15 -12.01 -18.43
C ARG C 233 -3.82 -13.01 -19.52
N PRO C 234 -4.72 -13.93 -19.84
CA PRO C 234 -4.40 -14.95 -20.85
C PRO C 234 -4.47 -14.39 -22.25
N ALA C 235 -4.07 -15.23 -23.21
CA ALA C 235 -4.29 -14.90 -24.62
C ALA C 235 -5.77 -14.82 -24.92
N GLN C 236 -6.55 -15.76 -24.37
CA GLN C 236 -8.01 -15.73 -24.47
C GLN C 236 -8.59 -16.04 -23.11
N GLU C 237 -9.67 -15.34 -22.74
CA GLU C 237 -10.32 -15.60 -21.47
C GLU C 237 -10.84 -17.04 -21.40
N ASP C 238 -11.45 -17.51 -22.50
CA ASP C 238 -11.98 -18.86 -22.58
C ASP C 238 -11.20 -19.65 -23.62
N PRO C 239 -10.66 -20.82 -23.28
CA PRO C 239 -10.69 -21.49 -21.97
C PRO C 239 -9.70 -20.87 -20.99
N GLU C 240 -10.00 -20.95 -19.70
CA GLU C 240 -9.11 -20.41 -18.68
C GLU C 240 -7.88 -21.30 -18.52
N VAL C 241 -6.84 -20.73 -17.92
CA VAL C 241 -5.56 -21.40 -17.74
C VAL C 241 -5.21 -21.42 -16.26
N VAL C 242 -4.76 -22.57 -15.77
CA VAL C 242 -4.27 -22.74 -14.42
C VAL C 242 -2.80 -23.13 -14.50
N LYS C 243 -1.95 -22.38 -13.80
CA LYS C 243 -0.51 -22.56 -13.93
C LYS C 243 0.18 -22.17 -12.63
N ASN C 244 1.50 -22.36 -12.62
CA ASN C 244 2.37 -21.94 -11.54
C ASN C 244 3.36 -20.92 -12.11
N LEU C 245 3.18 -19.65 -11.74
CA LEU C 245 3.99 -18.56 -12.24
C LEU C 245 5.04 -18.19 -11.20
N VAL C 246 6.25 -17.92 -11.66
CA VAL C 246 7.35 -17.43 -10.82
C VAL C 246 7.87 -16.17 -11.48
N LEU C 247 7.42 -15.02 -11.01
CA LEU C 247 7.86 -13.74 -11.56
C LEU C 247 9.08 -13.25 -10.79
N ILE C 248 10.22 -13.21 -11.46
CA ILE C 248 11.44 -12.64 -10.90
C ILE C 248 11.53 -11.21 -11.39
N LEU C 249 11.27 -10.25 -10.51
CA LEU C 249 11.23 -8.84 -10.86
C LEU C 249 12.46 -8.17 -10.27
N LYS C 250 13.12 -7.33 -11.06
CA LYS C 250 14.32 -6.65 -10.63
C LYS C 250 14.28 -5.20 -11.09
N CYS C 251 14.59 -4.29 -10.18
CA CYS C 251 14.75 -2.88 -10.51
C CYS C 251 15.64 -2.24 -9.46
N LYS C 252 16.80 -1.72 -9.89
CA LYS C 252 17.74 -1.11 -8.96
C LYS C 252 17.12 0.09 -8.26
N LYS C 253 16.45 0.95 -9.01
CA LYS C 253 15.71 2.05 -8.41
C LYS C 253 14.52 1.49 -7.64
N SER C 254 14.12 2.20 -6.59
CA SER C 254 13.05 1.73 -5.74
C SER C 254 11.70 1.82 -6.46
N VAL C 255 10.98 0.70 -6.50
CA VAL C 255 9.64 0.63 -7.08
C VAL C 255 8.80 -0.24 -6.16
N ASN C 256 7.54 -0.43 -6.55
CA ASN C 256 6.53 -1.11 -5.73
C ASN C 256 5.72 -2.08 -6.58
N TRP C 257 6.39 -3.00 -7.28
CA TRP C 257 5.76 -3.92 -8.22
C TRP C 257 4.39 -4.37 -7.73
N VAL C 258 3.36 -4.08 -8.52
CA VAL C 258 1.98 -4.43 -8.19
C VAL C 258 1.51 -5.47 -9.19
N ILE C 259 1.09 -6.62 -8.69
CA ILE C 259 0.74 -7.76 -9.53
C ILE C 259 -0.77 -7.84 -9.62
N LYS C 260 -1.28 -7.77 -10.84
CA LYS C 260 -2.71 -7.92 -11.11
C LYS C 260 -2.90 -9.04 -12.12
N SER C 261 -3.75 -9.99 -11.78
CA SER C 261 -4.01 -11.15 -12.63
C SER C 261 -5.50 -11.30 -12.84
N PHE C 262 -5.92 -11.51 -14.09
CA PHE C 262 -7.31 -11.66 -14.45
C PHE C 262 -7.50 -12.97 -15.21
N ASP C 263 -8.57 -13.70 -14.89
CA ASP C 263 -8.98 -14.89 -15.63
C ASP C 263 -7.87 -15.93 -15.71
N VAL C 264 -7.11 -16.05 -14.63
CA VAL C 264 -6.04 -17.04 -14.54
C VAL C 264 -6.11 -17.68 -13.16
N LYS C 265 -5.88 -18.99 -13.09
CA LYS C 265 -5.88 -19.72 -11.83
C LYS C 265 -4.52 -20.36 -11.60
N GLY C 266 -4.29 -20.78 -10.37
CA GLY C 266 -3.09 -21.51 -10.02
C GLY C 266 -2.33 -20.85 -8.89
N ASN C 267 -1.03 -21.14 -8.86
CA ASN C 267 -0.14 -20.64 -7.81
C ASN C 267 0.83 -19.64 -8.41
N LEU C 268 0.92 -18.46 -7.79
CA LEU C 268 1.77 -17.39 -8.29
C LEU C 268 2.74 -16.97 -7.17
N LYS C 269 4.02 -16.92 -7.50
CA LYS C 269 5.07 -16.48 -6.58
C LYS C 269 5.82 -15.32 -7.23
N VAL C 270 6.14 -14.30 -6.44
CA VAL C 270 6.82 -13.10 -6.91
C VAL C 270 8.06 -12.90 -6.07
N ILE C 271 9.20 -12.73 -6.72
CA ILE C 271 10.49 -12.54 -6.05
C ILE C 271 11.11 -11.26 -6.58
N ALA C 272 11.30 -10.27 -5.71
CA ALA C 272 11.81 -8.99 -6.13
C ALA C 272 12.47 -8.31 -4.95
N PRO C 273 13.64 -7.68 -5.16
CA PRO C 273 14.29 -6.96 -4.06
C PRO C 273 13.53 -5.75 -3.57
N ASN C 274 12.73 -5.12 -4.42
CA ASN C 274 11.92 -3.98 -4.02
C ASN C 274 10.65 -4.46 -3.33
N SER C 275 9.77 -3.53 -3.03
CA SER C 275 8.48 -3.91 -2.46
C SER C 275 7.66 -4.65 -3.51
N ILE C 276 6.71 -5.45 -3.04
CA ILE C 276 5.76 -6.15 -3.92
C ILE C 276 4.38 -5.97 -3.33
N GLY C 277 3.39 -5.77 -4.21
CA GLY C 277 2.02 -5.62 -3.78
C GLY C 277 1.08 -6.41 -4.67
N PHE C 278 -0.20 -6.37 -4.30
CA PHE C 278 -1.26 -6.99 -5.07
C PHE C 278 -2.44 -6.04 -5.14
N GLY C 279 -3.32 -6.28 -6.11
CA GLY C 279 -4.49 -5.46 -6.28
C GLY C 279 -5.61 -5.85 -5.33
N LYS C 280 -6.78 -5.28 -5.56
CA LYS C 280 -7.96 -5.61 -4.80
C LYS C 280 -8.37 -7.06 -5.04
N GLU C 281 -9.42 -7.49 -4.33
CA GLU C 281 -9.88 -8.87 -4.47
C GLU C 281 -10.35 -9.17 -5.89
N SER C 282 -10.86 -8.17 -6.60
CA SER C 282 -11.21 -8.36 -8.00
C SER C 282 -9.98 -8.55 -8.88
N GLU C 283 -8.81 -8.10 -8.42
CA GLU C 283 -7.58 -8.19 -9.19
C GLU C 283 -6.77 -9.43 -8.88
N ARG C 284 -7.15 -10.22 -7.87
CA ARG C 284 -6.37 -11.38 -7.45
C ARG C 284 -7.06 -12.64 -7.97
N SER C 285 -6.70 -13.05 -9.18
CA SER C 285 -7.24 -14.27 -9.76
C SER C 285 -6.45 -15.52 -9.38
N MET C 286 -5.26 -15.37 -8.82
CA MET C 286 -4.41 -16.50 -8.47
C MET C 286 -4.00 -16.39 -7.01
N THR C 287 -3.54 -17.51 -6.46
CA THR C 287 -3.07 -17.54 -5.08
C THR C 287 -1.72 -16.85 -4.97
N MET C 288 -1.74 -15.53 -4.93
CA MET C 288 -0.49 -14.76 -4.93
C MET C 288 0.20 -14.85 -3.57
N THR C 289 1.49 -15.18 -3.62
CA THR C 289 2.34 -15.14 -2.43
C THR C 289 3.61 -14.38 -2.78
N LYS C 290 3.93 -13.37 -1.98
CA LYS C 290 5.09 -12.53 -2.22
C LYS C 290 6.31 -13.13 -1.54
N LEU C 291 7.49 -12.75 -2.05
CA LEU C 291 8.76 -13.25 -1.52
C LEU C 291 9.81 -12.19 -1.80
N VAL C 292 10.55 -11.80 -0.77
CA VAL C 292 11.49 -10.70 -0.86
C VAL C 292 12.90 -11.22 -0.65
N ARG C 293 13.80 -10.88 -1.56
CA ARG C 293 15.22 -11.19 -1.44
C ARG C 293 16.01 -10.02 -1.97
N ASP C 294 16.83 -9.40 -1.12
CA ASP C 294 17.63 -8.26 -1.53
C ASP C 294 18.90 -8.66 -2.25
N ASP C 295 19.13 -9.95 -2.45
CA ASP C 295 20.35 -10.46 -3.06
C ASP C 295 20.24 -10.61 -4.58
N ILE C 296 19.13 -10.20 -5.17
CA ILE C 296 18.92 -10.43 -6.60
C ILE C 296 19.86 -9.54 -7.40
N PRO C 297 20.60 -10.08 -8.37
CA PRO C 297 21.55 -9.25 -9.14
C PRO C 297 20.86 -8.35 -10.14
N SER C 298 21.62 -7.62 -10.95
CA SER C 298 21.03 -6.62 -11.83
C SER C 298 21.66 -6.67 -13.22
N THR C 299 21.89 -7.87 -13.75
CA THR C 299 22.35 -8.02 -15.13
C THR C 299 21.60 -9.18 -15.78
N GLN C 300 21.62 -9.21 -17.11
CA GLN C 300 20.96 -10.28 -17.84
C GLN C 300 21.60 -11.63 -17.58
N GLU C 301 22.93 -11.65 -17.38
CA GLU C 301 23.65 -12.92 -17.20
C GLU C 301 23.50 -13.42 -15.77
N ASN C 302 23.73 -12.55 -14.80
CA ASN C 302 23.71 -12.95 -13.39
C ASN C 302 22.34 -13.42 -12.96
N LEU C 303 21.27 -12.85 -13.56
CA LEU C 303 19.92 -13.23 -13.16
C LEU C 303 19.62 -14.69 -13.51
N MET C 304 20.09 -15.14 -14.67
CA MET C 304 19.92 -16.54 -15.04
C MET C 304 20.62 -17.45 -14.03
N LYS C 305 21.83 -17.07 -13.62
CA LYS C 305 22.56 -17.86 -12.64
C LYS C 305 21.86 -17.84 -11.28
N TRP C 306 21.28 -16.70 -10.92
CA TRP C 306 20.53 -16.61 -9.67
C TRP C 306 19.34 -17.54 -9.68
N ALA C 307 18.60 -17.56 -10.81
CA ALA C 307 17.48 -18.49 -10.93
C ALA C 307 17.95 -19.94 -10.88
N LEU C 308 19.09 -20.23 -11.52
CA LEU C 308 19.64 -21.58 -11.46
C LEU C 308 19.99 -21.99 -10.04
N ASP C 309 20.60 -21.08 -9.28
CA ASP C 309 21.01 -21.41 -7.92
C ASP C 309 19.82 -21.55 -6.99
N ASN C 310 18.82 -20.68 -7.13
CA ASN C 310 17.71 -20.66 -6.18
C ASN C 310 16.62 -21.68 -6.51
N GLY C 311 16.76 -22.43 -7.61
CA GLY C 311 15.80 -23.46 -7.93
C GLY C 311 14.56 -22.99 -8.65
N TYR C 312 14.46 -21.70 -8.98
CA TYR C 312 13.34 -21.19 -9.76
C TYR C 312 13.61 -21.44 -11.24
N ARG C 313 13.52 -22.72 -11.60
CA ARG C 313 13.92 -23.23 -12.90
C ARG C 313 12.81 -24.11 -13.46
N PRO C 314 12.76 -24.29 -14.78
CA PRO C 314 13.58 -23.66 -15.83
C PRO C 314 13.14 -22.22 -16.09
N VAL C 315 14.04 -21.37 -16.56
CA VAL C 315 13.71 -19.98 -16.86
C VAL C 315 12.92 -19.95 -18.15
N THR C 316 11.66 -19.54 -18.08
CA THR C 316 10.79 -19.52 -19.25
C THR C 316 11.07 -18.33 -20.15
N SER C 317 11.00 -17.12 -19.59
CA SER C 317 11.20 -15.91 -20.38
C SER C 317 11.98 -14.87 -19.58
N TYR C 318 12.66 -13.99 -20.30
CA TYR C 318 13.39 -12.88 -19.71
C TYR C 318 13.08 -11.62 -20.51
N THR C 319 12.90 -10.51 -19.82
CA THR C 319 12.51 -9.26 -20.45
C THR C 319 13.17 -8.09 -19.72
N MET C 320 14.03 -7.36 -20.41
CA MET C 320 14.70 -6.19 -19.87
C MET C 320 14.14 -4.95 -20.56
N ALA C 321 13.59 -4.03 -19.76
CA ALA C 321 12.98 -2.81 -20.29
C ALA C 321 13.74 -1.60 -19.77
N PRO C 322 14.38 -0.81 -20.64
CA PRO C 322 15.11 0.36 -20.15
C PRO C 322 14.22 1.38 -19.43
N VAL C 323 12.98 1.55 -19.87
CA VAL C 323 12.03 2.45 -19.23
C VAL C 323 10.63 1.93 -19.47
N ALA C 324 9.88 1.73 -18.39
CA ALA C 324 8.53 1.18 -18.44
C ALA C 324 7.94 1.23 -17.04
N ASN C 325 6.61 1.15 -16.97
CA ASN C 325 5.95 1.02 -15.66
C ASN C 325 4.58 0.34 -15.74
N ARG C 326 4.27 -0.38 -16.81
CA ARG C 326 2.96 -1.01 -16.96
C ARG C 326 3.11 -2.37 -17.64
N PHE C 327 3.97 -3.22 -17.09
CA PHE C 327 4.24 -4.51 -17.73
C PHE C 327 2.97 -5.32 -17.91
N HIS C 328 2.85 -5.97 -19.06
CA HIS C 328 1.72 -6.83 -19.40
C HIS C 328 2.23 -8.22 -19.70
N LEU C 329 1.58 -9.24 -19.15
CA LEU C 329 2.01 -10.63 -19.29
C LEU C 329 0.90 -11.44 -19.95
N ARG C 330 1.12 -11.84 -21.19
CA ARG C 330 0.13 -12.62 -21.95
C ARG C 330 0.56 -14.09 -21.98
N LEU C 331 -0.28 -14.96 -21.45
CA LEU C 331 -0.01 -16.39 -21.41
C LEU C 331 -0.86 -17.09 -22.45
N GLU C 332 -0.22 -17.84 -23.34
CA GLU C 332 -0.89 -18.55 -24.42
C GLU C 332 -1.03 -20.03 -24.10
N ASN C 333 -1.94 -20.69 -24.80
CA ASN C 333 -2.18 -22.11 -24.60
C ASN C 333 -2.49 -22.81 -25.93
N PHE D 7 -14.86 -26.66 22.07
CA PHE D 7 -13.93 -26.78 23.18
C PHE D 7 -13.81 -28.24 23.62
N PRO D 8 -12.92 -28.99 22.96
CA PRO D 8 -12.75 -30.40 23.31
C PRO D 8 -12.25 -30.56 24.74
N GLN D 9 -12.72 -31.63 25.39
CA GLN D 9 -12.37 -31.88 26.78
C GLN D 9 -10.95 -32.41 26.90
N LEU D 10 -10.24 -31.94 27.92
CA LEU D 10 -8.88 -32.38 28.22
C LEU D 10 -8.91 -33.32 29.41
N CYS D 11 -8.10 -34.36 29.34
CA CYS D 11 -8.03 -35.37 30.39
C CYS D 11 -6.61 -35.90 30.51
N LYS D 12 -6.33 -36.52 31.65
CA LYS D 12 -5.10 -37.27 31.83
C LYS D 12 -5.32 -38.71 31.39
N PHE D 13 -4.40 -39.21 30.56
CA PHE D 13 -4.56 -40.51 29.92
C PHE D 13 -3.42 -41.44 30.31
N CYS D 14 -3.06 -41.46 31.59
CA CYS D 14 -2.04 -42.38 32.08
C CYS D 14 -2.65 -43.74 32.39
N ASP D 15 -1.87 -44.79 32.17
CA ASP D 15 -2.32 -46.15 32.45
C ASP D 15 -2.20 -46.43 33.95
N VAL D 16 -2.33 -47.70 34.32
CA VAL D 16 -2.23 -48.07 35.74
C VAL D 16 -0.85 -47.73 36.26
N ARG D 17 -0.80 -47.05 37.39
CA ARG D 17 0.44 -46.60 38.00
C ARG D 17 0.43 -47.01 39.47
N PHE D 18 1.45 -46.56 40.20
CA PHE D 18 1.58 -46.86 41.63
C PHE D 18 1.93 -45.58 42.37
N SER D 19 1.25 -45.37 43.50
CA SER D 19 1.47 -44.17 44.30
C SER D 19 1.23 -44.53 45.76
N THR D 20 1.12 -43.51 46.62
CA THR D 20 0.91 -43.70 48.04
C THR D 20 -0.41 -43.09 48.52
N CYS D 21 -1.44 -43.10 47.68
CA CYS D 21 -2.74 -42.54 48.04
C CYS D 21 -3.54 -43.60 48.78
N ASP D 22 -3.64 -43.48 50.10
CA ASP D 22 -4.43 -44.41 50.90
C ASP D 22 -4.81 -43.73 52.21
N ASN D 23 -6.09 -43.79 52.55
CA ASN D 23 -6.62 -43.15 53.77
C ASN D 23 -6.31 -41.66 53.80
N GLN D 24 -6.41 -41.01 52.64
CA GLN D 24 -6.15 -39.59 52.50
C GLN D 24 -7.38 -38.89 51.97
N LYS D 25 -7.55 -37.62 52.35
CA LYS D 25 -8.69 -36.85 51.88
C LYS D 25 -8.55 -36.41 50.43
N SER D 26 -7.32 -36.26 49.94
CA SER D 26 -7.10 -35.85 48.56
C SER D 26 -5.72 -36.31 48.12
N CYS D 27 -5.55 -36.47 46.81
CA CYS D 27 -4.29 -36.91 46.23
C CYS D 27 -4.14 -36.29 44.84
N MET D 28 -2.98 -36.50 44.24
CA MET D 28 -2.70 -36.04 42.88
C MET D 28 -2.42 -37.24 41.99
N SER D 29 -3.00 -37.23 40.79
CA SER D 29 -2.82 -38.35 39.87
C SER D 29 -1.36 -38.51 39.44
N ASN D 30 -0.59 -37.42 39.49
CA ASN D 30 0.83 -37.43 39.09
C ASN D 30 1.01 -37.94 37.67
N CYS D 31 0.07 -37.58 36.79
CA CYS D 31 0.13 -37.98 35.39
C CYS D 31 0.78 -36.87 34.57
N SER D 32 1.78 -37.24 33.76
CA SER D 32 2.49 -36.27 32.94
C SER D 32 1.90 -36.13 31.55
N ILE D 33 0.80 -36.82 31.25
CA ILE D 33 0.18 -36.79 29.93
C ILE D 33 -1.17 -36.11 30.03
N THR D 34 -1.30 -34.95 29.38
CA THR D 34 -2.57 -34.25 29.23
C THR D 34 -2.93 -34.28 27.75
N SER D 35 -4.15 -34.68 27.44
CA SER D 35 -4.52 -34.91 26.05
C SER D 35 -6.01 -34.68 25.83
N ILE D 36 -6.37 -34.44 24.57
CA ILE D 36 -7.76 -34.38 24.17
C ILE D 36 -8.26 -35.78 23.90
N CYS D 37 -9.43 -36.12 24.46
CA CYS D 37 -10.03 -37.42 24.16
C CYS D 37 -10.47 -37.47 22.71
N GLU D 38 -10.71 -38.69 22.22
CA GLU D 38 -11.06 -38.87 20.81
C GLU D 38 -12.35 -38.15 20.46
N LYS D 39 -13.35 -38.23 21.32
CA LYS D 39 -14.60 -37.53 21.06
C LYS D 39 -14.92 -36.58 22.21
N PRO D 40 -15.50 -35.41 21.92
CA PRO D 40 -15.88 -34.49 22.99
C PRO D 40 -16.93 -35.04 23.93
N GLN D 41 -17.70 -36.03 23.49
CA GLN D 41 -18.68 -36.67 24.37
C GLN D 41 -18.01 -37.39 25.53
N GLU D 42 -16.79 -37.89 25.34
CA GLU D 42 -16.07 -38.62 26.37
C GLU D 42 -15.69 -37.69 27.52
N VAL D 43 -15.56 -38.29 28.71
CA VAL D 43 -15.23 -37.58 29.94
C VAL D 43 -14.06 -38.28 30.61
N CYS D 44 -13.42 -37.58 31.54
CA CYS D 44 -12.29 -38.12 32.27
C CYS D 44 -12.80 -39.01 33.38
N VAL D 45 -12.24 -40.22 33.49
CA VAL D 45 -12.64 -41.19 34.51
C VAL D 45 -11.40 -41.63 35.27
N ALA D 46 -11.49 -41.65 36.59
CA ALA D 46 -10.42 -42.09 37.47
C ALA D 46 -10.89 -43.30 38.27
N VAL D 47 -10.02 -44.31 38.32
CA VAL D 47 -10.30 -45.59 38.96
C VAL D 47 -9.21 -45.87 39.98
N TRP D 48 -9.63 -46.23 41.20
CA TRP D 48 -8.74 -46.57 42.31
C TRP D 48 -9.04 -48.02 42.72
N ARG D 49 -8.02 -48.87 42.63
CA ARG D 49 -8.16 -50.29 42.92
C ARG D 49 -7.01 -50.79 43.79
N LYS D 50 -6.74 -50.08 44.89
CA LYS D 50 -5.67 -50.49 45.78
C LYS D 50 -5.95 -51.87 46.35
N ASN D 51 -4.89 -52.65 46.54
CA ASN D 51 -4.99 -54.00 47.07
C ASN D 51 -3.76 -54.30 47.92
N ASP D 52 -3.74 -55.49 48.51
CA ASP D 52 -2.60 -55.90 49.32
C ASP D 52 -1.32 -56.02 48.50
N GLU D 53 -1.42 -56.26 47.19
CA GLU D 53 -0.24 -56.35 46.35
C GLU D 53 0.50 -55.01 46.32
N ASN D 54 -0.21 -53.93 45.98
CA ASN D 54 0.35 -52.59 45.90
C ASN D 54 -0.80 -51.63 45.61
N ILE D 55 -0.52 -50.33 45.73
CA ILE D 55 -1.52 -49.32 45.45
C ILE D 55 -1.56 -49.03 43.96
N THR D 56 -2.75 -49.10 43.37
CA THR D 56 -2.92 -48.91 41.94
C THR D 56 -3.99 -47.85 41.68
N LEU D 57 -3.78 -47.06 40.62
CA LEU D 57 -4.73 -46.04 40.22
C LEU D 57 -4.56 -45.77 38.73
N GLU D 58 -5.60 -45.22 38.12
CA GLU D 58 -5.58 -44.94 36.69
C GLU D 58 -6.54 -43.80 36.37
N THR D 59 -6.18 -43.03 35.35
CA THR D 59 -7.02 -41.95 34.83
C THR D 59 -7.01 -42.00 33.31
N VAL D 60 -8.19 -42.11 32.70
CA VAL D 60 -8.31 -42.27 31.26
C VAL D 60 -9.53 -41.51 30.74
N CYS D 61 -9.74 -41.56 29.43
CA CYS D 61 -10.97 -41.08 28.81
C CYS D 61 -11.96 -42.23 28.70
N HIS D 62 -13.25 -41.91 28.82
CA HIS D 62 -14.28 -42.94 28.63
C HIS D 62 -15.60 -42.28 28.30
N ASP D 63 -16.43 -42.99 27.55
CA ASP D 63 -17.77 -42.50 27.27
C ASP D 63 -18.62 -42.53 28.54
N PRO D 64 -19.35 -41.46 28.85
CA PRO D 64 -20.16 -41.48 30.09
C PRO D 64 -21.21 -42.57 30.11
N LYS D 65 -21.80 -42.90 28.97
CA LYS D 65 -22.84 -43.92 28.92
C LYS D 65 -22.31 -45.33 28.78
N LEU D 66 -21.04 -45.49 28.38
CA LEU D 66 -20.49 -46.84 28.27
C LEU D 66 -19.89 -47.29 29.60
N PRO D 67 -19.94 -48.58 29.90
CA PRO D 67 -19.36 -49.09 31.14
C PRO D 67 -17.87 -49.35 31.01
N TYR D 68 -17.21 -49.36 32.17
CA TYR D 68 -15.80 -49.68 32.28
C TYR D 68 -15.65 -51.00 33.02
N HIS D 69 -15.02 -51.98 32.37
CA HIS D 69 -14.88 -53.33 32.91
C HIS D 69 -16.22 -53.91 33.36
N ASP D 70 -17.24 -53.71 32.52
CA ASP D 70 -18.61 -54.17 32.76
C ASP D 70 -19.24 -53.52 33.98
N PHE D 71 -18.78 -52.35 34.40
CA PHE D 71 -19.36 -51.61 35.50
C PHE D 71 -19.87 -50.27 34.98
N ILE D 72 -21.16 -49.99 35.24
CA ILE D 72 -21.79 -48.78 34.75
C ILE D 72 -21.36 -47.59 35.61
N LEU D 73 -20.93 -46.51 34.95
CA LEU D 73 -20.57 -45.27 35.62
C LEU D 73 -21.82 -44.41 35.67
N GLU D 74 -22.64 -44.62 36.71
CA GLU D 74 -23.91 -43.91 36.82
C GLU D 74 -23.71 -42.42 37.06
N ASP D 75 -22.68 -42.05 37.83
CA ASP D 75 -22.43 -40.65 38.17
C ASP D 75 -21.44 -39.99 37.22
N ALA D 76 -21.37 -40.44 35.97
CA ALA D 76 -20.48 -39.83 35.00
C ALA D 76 -20.90 -38.43 34.59
N ALA D 77 -22.18 -38.08 34.79
CA ALA D 77 -22.66 -36.77 34.40
C ALA D 77 -22.15 -35.66 35.31
N SER D 78 -21.57 -36.00 36.46
CA SER D 78 -21.08 -34.98 37.38
C SER D 78 -19.90 -34.24 36.76
N PRO D 79 -19.83 -32.92 36.95
CA PRO D 79 -18.72 -32.15 36.38
C PRO D 79 -17.42 -32.26 37.17
N LYS D 80 -17.45 -32.87 38.35
CA LYS D 80 -16.26 -33.01 39.19
C LYS D 80 -16.05 -34.48 39.52
N CYS D 81 -14.78 -34.85 39.68
CA CYS D 81 -14.40 -36.23 39.97
C CYS D 81 -14.46 -36.45 41.47
N ILE D 82 -15.52 -37.11 41.94
CA ILE D 82 -15.71 -37.41 43.34
C ILE D 82 -15.61 -38.92 43.52
N MET D 83 -14.67 -39.36 44.34
CA MET D 83 -14.40 -40.79 44.52
C MET D 83 -15.58 -41.44 45.21
N LYS D 84 -16.25 -42.35 44.52
CA LYS D 84 -17.36 -43.11 45.06
C LYS D 84 -17.01 -44.60 45.08
N GLU D 85 -17.37 -45.26 46.18
CA GLU D 85 -17.03 -46.66 46.36
C GLU D 85 -17.92 -47.56 45.53
N LYS D 86 -17.33 -48.61 44.97
CA LYS D 86 -18.00 -49.61 44.16
C LYS D 86 -17.46 -50.98 44.54
N LYS D 87 -18.37 -51.93 44.76
CA LYS D 87 -17.98 -53.27 45.20
C LYS D 87 -17.45 -54.08 44.03
N LYS D 88 -16.38 -54.83 44.28
CA LYS D 88 -15.78 -55.71 43.28
C LYS D 88 -14.96 -56.78 43.98
N PRO D 89 -15.10 -58.05 43.57
CA PRO D 89 -14.30 -59.11 44.18
C PRO D 89 -12.81 -58.92 43.90
N GLY D 90 -12.00 -59.36 44.86
CA GLY D 90 -10.55 -59.25 44.78
C GLY D 90 -9.99 -57.98 45.39
N GLU D 91 -10.52 -56.82 45.00
CA GLU D 91 -10.06 -55.55 45.55
C GLU D 91 -11.21 -54.56 45.50
N THR D 92 -11.17 -53.60 46.42
CA THR D 92 -12.20 -52.58 46.49
C THR D 92 -12.13 -51.66 45.27
N PHE D 93 -13.29 -51.15 44.86
CA PHE D 93 -13.39 -50.30 43.67
C PHE D 93 -13.68 -48.88 44.13
N PHE D 94 -13.03 -47.90 43.51
CA PHE D 94 -13.40 -46.51 43.65
C PHE D 94 -13.41 -45.86 42.27
N MET D 95 -14.46 -45.09 41.98
CA MET D 95 -14.60 -44.52 40.64
C MET D 95 -15.04 -43.07 40.73
N CYS D 96 -14.61 -42.27 39.75
CA CYS D 96 -15.13 -40.93 39.58
C CYS D 96 -15.02 -40.52 38.12
N SER D 97 -15.83 -39.54 37.73
CA SER D 97 -15.83 -39.02 36.37
C SER D 97 -16.10 -37.53 36.39
N CYS D 98 -15.63 -36.85 35.35
CA CYS D 98 -15.80 -35.40 35.25
C CYS D 98 -15.73 -34.99 33.78
N SER D 99 -16.49 -33.94 33.44
CA SER D 99 -16.69 -33.54 32.05
C SER D 99 -16.01 -32.23 31.66
N SER D 100 -15.36 -31.55 32.60
CA SER D 100 -14.67 -30.32 32.27
C SER D 100 -13.25 -30.62 31.78
N ASP D 101 -12.47 -29.58 31.58
CA ASP D 101 -11.14 -29.71 30.99
C ASP D 101 -10.10 -29.96 32.07
N GLU D 102 -9.29 -31.00 31.88
CA GLU D 102 -8.19 -31.34 32.79
C GLU D 102 -8.66 -31.45 34.24
N CYS D 103 -9.82 -32.07 34.45
CA CYS D 103 -10.43 -32.13 35.78
C CYS D 103 -10.02 -33.36 36.57
N ASN D 104 -9.30 -34.31 35.97
CA ASN D 104 -8.88 -35.52 36.66
C ASN D 104 -7.44 -35.46 37.15
N ASP D 105 -6.79 -34.30 37.05
CA ASP D 105 -5.41 -34.18 37.53
C ASP D 105 -5.33 -34.39 39.03
N ASN D 106 -6.26 -33.81 39.78
CA ASN D 106 -6.32 -33.95 41.22
C ASN D 106 -7.55 -34.76 41.62
N ILE D 107 -7.34 -35.72 42.52
CA ILE D 107 -8.39 -36.61 42.99
C ILE D 107 -8.81 -36.15 44.37
N ILE D 108 -10.10 -35.89 44.56
CA ILE D 108 -10.66 -35.47 45.83
C ILE D 108 -11.60 -36.57 46.32
N PHE D 109 -11.25 -37.18 47.46
CA PHE D 109 -12.05 -38.29 47.97
C PHE D 109 -13.34 -37.80 48.60
N SER D 110 -13.30 -36.70 49.35
CA SER D 110 -14.48 -36.15 50.00
C SER D 110 -14.23 -34.69 50.34
N GLU D 111 -15.26 -33.86 50.18
CA GLU D 111 -15.13 -32.44 50.48
C GLU D 111 -14.98 -32.16 51.96
N GLU D 112 -15.23 -33.16 52.81
CA GLU D 112 -15.06 -32.97 54.25
C GLU D 112 -13.62 -32.65 54.59
N TYR D 113 -13.41 -31.64 55.43
CA TYR D 113 -12.07 -31.23 55.82
C TYR D 113 -12.03 -30.94 57.32
N VAL E 5 25.44 17.33 -2.34
CA VAL E 5 24.23 16.73 -2.89
C VAL E 5 24.21 16.84 -4.41
N LYS E 6 24.04 15.71 -5.08
CA LYS E 6 24.00 15.66 -6.54
C LYS E 6 22.58 15.76 -7.09
N PHE E 7 21.58 15.89 -6.23
CA PHE E 7 20.21 16.03 -6.69
C PHE E 7 20.02 17.35 -7.42
N PRO E 8 19.15 17.39 -8.42
CA PRO E 8 18.94 18.62 -9.18
C PRO E 8 18.32 19.70 -8.30
N GLN E 9 18.60 20.96 -8.66
CA GLN E 9 18.07 22.08 -7.91
C GLN E 9 16.56 22.17 -8.03
N LEU E 10 15.94 22.74 -7.00
CA LEU E 10 14.54 23.15 -7.06
C LEU E 10 14.52 24.64 -7.36
N CYS E 11 13.93 25.03 -8.48
CA CYS E 11 13.88 26.42 -8.88
C CYS E 11 12.46 26.80 -9.26
N LYS E 12 12.07 28.03 -8.95
CA LYS E 12 10.86 28.56 -9.53
C LYS E 12 11.06 28.68 -11.03
N PHE E 13 10.10 28.20 -11.81
CA PHE E 13 10.26 28.12 -13.26
C PHE E 13 9.05 28.70 -13.95
N CYS E 14 8.62 29.89 -13.52
CA CYS E 14 7.67 30.66 -14.30
C CYS E 14 8.41 31.44 -15.37
N ASP E 15 7.83 31.48 -16.56
CA ASP E 15 8.41 32.25 -17.66
C ASP E 15 8.13 33.73 -17.42
N VAL E 16 8.30 34.54 -18.47
CA VAL E 16 8.09 35.98 -18.35
C VAL E 16 6.68 36.25 -17.86
N ARG E 17 6.57 36.83 -16.67
CA ARG E 17 5.27 37.13 -16.07
C ARG E 17 5.34 38.48 -15.37
N PHE E 18 4.19 39.13 -15.26
CA PHE E 18 4.12 40.47 -14.69
C PHE E 18 4.14 40.40 -13.17
N SER E 19 4.82 41.35 -12.54
CA SER E 19 4.86 41.46 -11.09
C SER E 19 4.46 42.88 -10.68
N THR E 20 4.63 43.19 -9.39
CA THR E 20 4.25 44.51 -8.89
C THR E 20 5.40 45.19 -8.16
N CYS E 21 6.31 44.41 -7.60
CA CYS E 21 7.41 44.96 -6.80
C CYS E 21 8.47 45.54 -7.73
N ASP E 22 8.59 46.87 -7.73
CA ASP E 22 9.54 47.57 -8.59
C ASP E 22 10.49 48.39 -7.73
N ASN E 23 11.79 48.21 -7.97
CA ASN E 23 12.85 49.01 -7.35
C ASN E 23 12.94 48.78 -5.84
N GLN E 24 12.09 47.91 -5.30
CA GLN E 24 12.15 47.60 -3.88
C GLN E 24 13.34 46.68 -3.60
N LYS E 25 13.81 46.72 -2.35
CA LYS E 25 14.99 45.95 -1.99
C LYS E 25 14.75 44.45 -2.12
N SER E 26 13.61 43.96 -1.64
CA SER E 26 13.35 42.54 -1.60
C SER E 26 11.92 42.27 -2.05
N CYS E 27 11.71 41.08 -2.60
CA CYS E 27 10.42 40.69 -3.14
C CYS E 27 10.34 39.18 -3.23
N MET E 28 9.11 38.69 -3.36
CA MET E 28 8.85 37.27 -3.57
C MET E 28 8.44 37.05 -5.03
N SER E 29 9.01 36.02 -5.64
CA SER E 29 8.77 35.77 -7.06
C SER E 29 7.29 35.49 -7.32
N ASN E 30 6.57 34.96 -6.34
CA ASN E 30 5.15 34.65 -6.46
C ASN E 30 4.90 33.71 -7.63
N CYS E 31 5.83 32.80 -7.87
CA CYS E 31 5.74 31.82 -8.94
C CYS E 31 5.19 30.53 -8.37
N SER E 32 4.06 30.08 -8.90
CA SER E 32 3.39 28.91 -8.37
C SER E 32 4.03 27.60 -8.80
N ILE E 33 5.04 27.63 -9.66
CA ILE E 33 5.65 26.43 -10.19
C ILE E 33 7.04 26.28 -9.59
N THR E 34 7.26 25.20 -8.83
CA THR E 34 8.58 24.82 -8.36
C THR E 34 8.99 23.56 -9.10
N SER E 35 10.10 23.65 -9.83
CA SER E 35 10.50 22.62 -10.78
C SER E 35 11.86 22.06 -10.42
N ILE E 36 12.02 20.77 -10.61
CA ILE E 36 13.33 20.13 -10.58
C ILE E 36 13.95 20.32 -11.95
N CYS E 37 15.17 20.86 -11.96
CA CYS E 37 15.78 21.26 -13.23
C CYS E 37 16.04 20.05 -14.09
N GLU E 38 15.96 20.24 -15.41
CA GLU E 38 16.08 19.12 -16.34
C GLU E 38 17.43 18.42 -16.24
N LYS E 39 18.51 19.18 -16.10
CA LYS E 39 19.84 18.61 -16.01
C LYS E 39 20.47 18.98 -14.68
N PRO E 40 21.22 18.06 -14.08
CA PRO E 40 21.79 18.33 -12.75
C PRO E 40 22.75 19.49 -12.72
N GLN E 41 23.35 19.85 -13.86
CA GLN E 41 24.30 20.95 -13.92
C GLN E 41 23.65 22.32 -13.82
N GLU E 42 22.32 22.40 -13.87
CA GLU E 42 21.63 23.68 -13.98
C GLU E 42 21.43 24.32 -12.62
N VAL E 43 21.26 25.65 -12.65
CA VAL E 43 21.04 26.45 -11.45
C VAL E 43 19.91 27.42 -11.71
N CYS E 44 19.36 27.97 -10.63
CA CYS E 44 18.22 28.86 -10.74
C CYS E 44 18.67 30.23 -11.23
N VAL E 45 17.86 30.84 -12.10
CA VAL E 45 18.12 32.14 -12.68
C VAL E 45 16.86 32.97 -12.59
N ALA E 46 17.00 34.22 -12.16
CA ALA E 46 15.90 35.17 -12.10
C ALA E 46 16.28 36.41 -12.89
N VAL E 47 15.34 36.91 -13.69
CA VAL E 47 15.54 38.06 -14.57
C VAL E 47 14.39 39.04 -14.37
N TRP E 48 14.70 40.23 -13.89
CA TRP E 48 13.70 41.26 -13.65
C TRP E 48 13.86 42.36 -14.69
N ARG E 49 12.84 42.56 -15.50
CA ARG E 49 12.86 43.55 -16.58
C ARG E 49 11.83 44.63 -16.26
N LYS E 50 12.24 45.88 -16.36
CA LYS E 50 11.39 47.03 -16.10
C LYS E 50 11.31 47.90 -17.35
N ASN E 51 10.09 48.18 -17.79
CA ASN E 51 9.83 49.02 -18.95
C ASN E 51 8.83 50.09 -18.57
N ASP E 52 8.76 51.14 -19.39
CA ASP E 52 7.75 52.19 -19.17
C ASP E 52 6.34 51.68 -19.38
N GLU E 53 6.17 50.58 -20.11
CA GLU E 53 4.84 50.02 -20.39
C GLU E 53 4.44 48.96 -19.37
N ASN E 54 5.31 47.97 -19.14
CA ASN E 54 4.99 46.88 -18.23
C ASN E 54 6.26 46.37 -17.59
N ILE E 55 6.11 45.70 -16.44
CA ILE E 55 7.22 45.12 -15.70
C ILE E 55 7.06 43.62 -15.71
N THR E 56 8.16 42.89 -15.89
CA THR E 56 8.13 41.44 -16.02
C THR E 56 9.20 40.79 -15.15
N LEU E 57 8.91 39.56 -14.71
CA LEU E 57 9.84 38.76 -13.93
C LEU E 57 9.86 37.36 -14.53
N GLU E 58 11.06 36.86 -14.82
CA GLU E 58 11.25 35.55 -15.42
C GLU E 58 12.12 34.71 -14.51
N THR E 59 11.83 33.41 -14.45
CA THR E 59 12.58 32.48 -13.62
C THR E 59 12.82 31.21 -14.43
N VAL E 60 14.04 30.69 -14.40
CA VAL E 60 14.39 29.56 -15.25
C VAL E 60 15.40 28.66 -14.54
N CYS E 61 15.39 27.39 -14.94
CA CYS E 61 16.50 26.48 -14.68
C CYS E 61 17.48 26.59 -15.84
N HIS E 62 18.62 27.25 -15.63
CA HIS E 62 19.53 27.54 -16.71
C HIS E 62 20.92 27.03 -16.39
N ASP E 63 21.66 26.63 -17.43
CA ASP E 63 23.06 26.18 -17.24
C ASP E 63 23.90 27.43 -16.97
N PRO E 64 24.72 27.46 -15.90
CA PRO E 64 25.60 28.62 -15.64
C PRO E 64 26.60 28.86 -16.76
N LYS E 65 27.08 27.80 -17.42
CA LYS E 65 28.04 27.96 -18.50
C LYS E 65 27.44 28.73 -19.67
N LEU E 66 26.21 28.40 -20.04
CA LEU E 66 25.56 29.06 -21.17
C LEU E 66 25.04 30.43 -20.73
N PRO E 67 25.39 31.50 -21.44
CA PRO E 67 24.89 32.83 -21.06
C PRO E 67 23.41 32.98 -21.39
N TYR E 68 22.69 33.61 -20.46
CA TYR E 68 21.27 33.91 -20.65
C TYR E 68 21.12 35.37 -21.04
N HIS E 69 20.32 35.62 -22.07
CA HIS E 69 20.18 36.96 -22.65
C HIS E 69 21.54 37.54 -23.06
N ASP E 70 22.41 36.68 -23.60
CA ASP E 70 23.75 37.05 -24.01
C ASP E 70 24.57 37.65 -22.87
N PHE E 71 24.28 37.24 -21.63
CA PHE E 71 24.96 37.74 -20.45
C PHE E 71 25.50 36.57 -19.64
N ILE E 72 26.78 36.65 -19.27
CA ILE E 72 27.44 35.56 -18.57
C ILE E 72 27.09 35.60 -17.08
N LEU E 73 27.05 34.41 -16.47
CA LEU E 73 26.75 34.26 -15.05
C LEU E 73 28.04 34.20 -14.26
N GLU E 74 28.12 35.00 -13.18
CA GLU E 74 29.31 35.04 -12.33
C GLU E 74 28.96 34.76 -10.87
N ASP E 75 27.76 34.26 -10.60
CA ASP E 75 27.33 34.03 -9.22
C ASP E 75 26.60 32.70 -9.06
N ALA E 76 26.96 31.68 -9.84
CA ALA E 76 26.28 30.39 -9.74
C ALA E 76 26.47 29.76 -8.37
N ALA E 77 27.56 30.08 -7.68
CA ALA E 77 27.85 29.51 -6.39
C ALA E 77 27.14 30.25 -5.26
N SER E 78 26.41 31.32 -5.55
CA SER E 78 25.78 32.10 -4.50
C SER E 78 24.67 31.30 -3.85
N PRO E 79 24.66 31.16 -2.52
CA PRO E 79 23.54 30.47 -1.86
C PRO E 79 22.20 31.15 -2.08
N LYS E 80 22.18 32.48 -2.22
CA LYS E 80 20.95 33.21 -2.45
C LYS E 80 21.11 34.10 -3.67
N CYS E 81 19.99 34.42 -4.31
CA CYS E 81 19.99 35.13 -5.58
C CYS E 81 20.32 36.60 -5.33
N ILE E 82 21.61 36.92 -5.36
CA ILE E 82 22.06 38.30 -5.20
C ILE E 82 21.77 39.03 -6.51
N MET E 83 20.75 39.88 -6.50
CA MET E 83 20.32 40.55 -7.71
C MET E 83 21.35 41.59 -8.13
N LYS E 84 21.73 41.58 -9.41
CA LYS E 84 22.74 42.48 -9.95
C LYS E 84 22.19 43.17 -11.19
N GLU E 85 22.34 44.49 -11.24
CA GLU E 85 21.90 45.25 -12.40
C GLU E 85 22.84 45.02 -13.58
N LYS E 86 22.26 44.94 -14.77
CA LYS E 86 23.02 44.82 -16.00
C LYS E 86 22.75 46.03 -16.87
N LYS E 87 23.55 46.16 -17.94
CA LYS E 87 23.60 47.38 -18.74
C LYS E 87 22.81 47.28 -20.04
N LYS E 88 21.67 46.60 -20.02
CA LYS E 88 20.81 46.54 -21.19
C LYS E 88 20.30 47.94 -21.51
N PRO E 89 20.53 48.45 -22.73
CA PRO E 89 20.12 49.82 -23.04
C PRO E 89 18.61 49.96 -23.06
N GLY E 90 18.14 51.16 -22.71
CA GLY E 90 16.72 51.48 -22.75
C GLY E 90 15.95 50.96 -21.56
N GLU E 91 15.73 49.65 -21.51
CA GLU E 91 14.94 49.05 -20.44
C GLU E 91 15.83 48.71 -19.25
N THR E 92 15.24 48.78 -18.06
CA THR E 92 15.96 48.45 -16.84
C THR E 92 16.06 46.94 -16.69
N PHE E 93 17.26 46.45 -16.41
CA PHE E 93 17.53 45.01 -16.42
C PHE E 93 18.29 44.60 -15.17
N PHE E 94 17.76 43.60 -14.46
CA PHE E 94 18.43 43.00 -13.32
C PHE E 94 18.44 41.50 -13.51
N MET E 95 19.53 40.85 -13.12
CA MET E 95 19.62 39.40 -13.21
C MET E 95 20.34 38.86 -12.00
N CYS E 96 19.96 37.66 -11.59
CA CYS E 96 20.65 36.96 -10.53
C CYS E 96 20.58 35.46 -10.80
N SER E 97 21.50 34.73 -10.19
CA SER E 97 21.52 33.28 -10.30
C SER E 97 21.97 32.70 -8.96
N CYS E 98 21.51 31.49 -8.67
CA CYS E 98 21.83 30.86 -7.40
C CYS E 98 21.69 29.35 -7.54
N SER E 99 22.12 28.63 -6.49
CA SER E 99 22.17 27.19 -6.52
C SER E 99 21.41 26.51 -5.39
N SER E 100 20.80 27.26 -4.48
CA SER E 100 19.99 26.63 -3.44
C SER E 100 18.62 26.26 -4.00
N ASP E 101 17.94 25.34 -3.31
CA ASP E 101 16.62 24.94 -3.75
C ASP E 101 15.61 26.05 -3.51
N GLU E 102 14.83 26.37 -4.54
CA GLU E 102 13.86 27.47 -4.51
C GLU E 102 14.52 28.79 -4.12
N CYS E 103 15.79 28.95 -4.50
CA CYS E 103 16.50 30.17 -4.14
C CYS E 103 16.02 31.37 -4.95
N ASN E 104 15.53 31.15 -6.17
CA ASN E 104 15.04 32.26 -6.97
C ASN E 104 13.67 32.73 -6.53
N ASP E 105 13.07 32.06 -5.54
CA ASP E 105 11.77 32.49 -5.04
C ASP E 105 11.86 33.88 -4.41
N ASN E 106 12.92 34.13 -3.67
CA ASN E 106 13.14 35.42 -3.02
C ASN E 106 14.21 36.20 -3.79
N ILE E 107 13.90 37.44 -4.11
CA ILE E 107 14.83 38.32 -4.82
C ILE E 107 15.21 39.46 -3.89
N ILE E 108 16.51 39.68 -3.72
CA ILE E 108 17.01 40.75 -2.87
C ILE E 108 17.91 41.66 -3.71
N PHE E 109 17.58 42.95 -3.74
CA PHE E 109 18.37 43.93 -4.48
C PHE E 109 19.50 44.50 -3.64
N SER E 110 19.24 44.75 -2.36
CA SER E 110 20.25 45.28 -1.44
C SER E 110 20.01 44.70 -0.06
N GLU E 111 21.11 44.35 0.62
CA GLU E 111 21.00 43.80 1.97
C GLU E 111 20.71 44.88 3.01
N GLU E 112 20.96 46.15 2.69
CA GLU E 112 20.69 47.23 3.63
C GLU E 112 19.20 47.38 3.88
N TYR E 113 18.85 47.74 5.11
CA TYR E 113 17.46 47.92 5.50
C TYR E 113 16.84 49.12 4.81
#